data_4K9Q
#
_entry.id   4K9Q
#
_cell.length_a   67.737
_cell.length_b   104.953
_cell.length_c   158.731
_cell.angle_alpha   90.00
_cell.angle_beta   90.00
_cell.angle_gamma   90.00
#
_symmetry.space_group_name_H-M   'P 21 21 2'
#
loop_
_entity.id
_entity.type
_entity.pdbx_description
1 polymer 'Benzoylformate Decarboxylase'
2 non-polymer 'MAGNESIUM ION'
3 non-polymer 'THIAMINE DIPHOSPHATE'
4 water water
#
_entity_poly.entity_id   1
_entity_poly.type   'polypeptide(L)'
_entity_poly.pdbx_seq_one_letter_code
;MRTVKEITFDLLRKLQVTTVVGNPGSTEETFLKDFPSDFNYVLALQEASVVAIADGLSQSLRKPVIVNIHTGAGLGNAMG
CLLTAYQNKTPLIITAGQQTREMLLNEPLLTNIEAINMPKPWVKWSYEPARPEDVPGAFMRAYATAMQQPQGPVFLSLPL
DDWEKLIPEVDVARTVSTRQGPDPDKVKEFAQRITASKNPLLIYGSDIARSQAWSDGIAFAERLNAPVWAAPFAERTPFP
EDHPLFQGALTSGIGSLEKQIQGHDLIVVIGAPVFRYYPWIAGQFIPEGSTLLQVSDDPNMTSKAVVGDSLVSDSKLFLI
EALKLIDQREKNNTPQRSPMTKEDRTAMPLRPHAVLEVLKENSPKEIVLVEECPSIVPLMQDVFRINQPDTFYTFASGGL
GWDLPAAVGLALGEEVSGRNRPVVTLMGDGSFQYSVQGIYTGVQQKTHVIYVVFQNEEYGILKQFAELEQTPNVPGLDLP
GLDIVAQGKAYGAKSLKVETLDELKTAYLEALSFKGTSVIVVPITKELKPLFGHHHHHH
;
_entity_poly.pdbx_strand_id   A,B
#
loop_
_chem_comp.id
_chem_comp.type
_chem_comp.name
_chem_comp.formula
MG non-polymer 'MAGNESIUM ION' 'Mg 2'
TPP non-polymer 'THIAMINE DIPHOSPHATE' 'C12 H19 N4 O7 P2 S 1'
#
# COMPACT_ATOMS: atom_id res chain seq x y z
N MET A 1 -35.53 -10.48 -0.57
CA MET A 1 -34.82 -9.24 -0.33
C MET A 1 -34.88 -8.89 1.14
N ARG A 2 -33.90 -8.11 1.59
CA ARG A 2 -33.90 -7.57 2.95
CA ARG A 2 -33.91 -7.57 2.94
C ARG A 2 -33.41 -6.13 2.93
N THR A 3 -33.53 -5.42 4.04
CA THR A 3 -33.06 -4.04 4.06
C THR A 3 -31.54 -4.01 4.08
N VAL A 4 -30.98 -2.95 3.52
CA VAL A 4 -29.55 -2.69 3.61
C VAL A 4 -29.08 -2.86 5.06
N LYS A 5 -29.84 -2.32 6.00
CA LYS A 5 -29.45 -2.39 7.41
C LYS A 5 -29.37 -3.84 7.91
N GLU A 6 -30.40 -4.63 7.64
CA GLU A 6 -30.40 -6.01 8.11
C GLU A 6 -29.22 -6.81 7.53
N ILE A 7 -28.99 -6.66 6.24
CA ILE A 7 -27.89 -7.35 5.58
C ILE A 7 -26.52 -6.92 6.11
N THR A 8 -26.38 -5.61 6.36
CA THR A 8 -25.11 -5.07 6.84
C THR A 8 -24.81 -5.57 8.25
N PHE A 9 -25.80 -5.52 9.14
CA PHE A 9 -25.56 -6.01 10.50
C PHE A 9 -25.27 -7.50 10.50
N ASP A 10 -25.92 -8.25 9.61
CA ASP A 10 -25.61 -9.67 9.47
C ASP A 10 -24.17 -9.93 9.01
N LEU A 11 -23.70 -9.11 8.07
CA LEU A 11 -22.29 -9.17 7.67
C LEU A 11 -21.36 -8.90 8.86
N LEU A 12 -21.69 -7.85 9.63
CA LEU A 12 -20.84 -7.47 10.75
C LEU A 12 -20.80 -8.61 11.78
N ARG A 13 -21.91 -9.30 11.96
CA ARG A 13 -21.92 -10.49 12.83
C ARG A 13 -20.96 -11.54 12.31
N LYS A 14 -21.02 -11.82 11.01
CA LYS A 14 -20.15 -12.80 10.39
C LYS A 14 -18.67 -12.42 10.54
N LEU A 15 -18.37 -11.13 10.37
CA LEU A 15 -17.01 -10.62 10.52
C LEU A 15 -16.57 -10.50 11.98
N GLN A 16 -17.52 -10.66 12.89
CA GLN A 16 -17.29 -10.52 14.33
C GLN A 16 -16.86 -9.12 14.74
N VAL A 17 -17.45 -8.13 14.06
CA VAL A 17 -17.23 -6.73 14.39
C VAL A 17 -18.56 -6.20 14.93
N THR A 18 -18.73 -6.26 16.25
CA THR A 18 -20.04 -5.99 16.83
C THR A 18 -20.04 -4.88 17.88
N THR A 19 -18.97 -4.08 17.88
CA THR A 19 -18.93 -2.89 18.72
C THR A 19 -18.90 -1.63 17.88
N VAL A 20 -19.78 -0.68 18.24
CA VAL A 20 -19.82 0.63 17.62
C VAL A 20 -19.54 1.69 18.68
N VAL A 21 -18.48 2.47 18.50
CA VAL A 21 -18.28 3.63 19.37
C VAL A 21 -18.79 4.84 18.58
N GLY A 22 -19.58 5.69 19.22
CA GLY A 22 -20.24 6.73 18.44
C GLY A 22 -20.57 7.99 19.21
N ASN A 23 -20.86 9.04 18.45
CA ASN A 23 -21.57 10.19 18.95
C ASN A 23 -22.64 10.47 17.90
N PRO A 24 -23.92 10.32 18.27
CA PRO A 24 -24.97 10.26 17.26
C PRO A 24 -25.38 11.62 16.68
N GLY A 25 -25.98 11.60 15.50
CA GLY A 25 -26.57 12.78 14.88
C GLY A 25 -27.74 12.31 14.03
N SER A 26 -28.46 13.26 13.42
CA SER A 26 -29.68 12.94 12.69
C SER A 26 -29.40 12.00 11.53
N THR A 27 -28.25 12.18 10.88
CA THR A 27 -27.91 11.40 9.68
C THR A 27 -27.45 9.97 10.00
N GLU A 28 -27.31 9.66 11.29
CA GLU A 28 -26.95 8.32 11.73
C GLU A 28 -28.12 7.56 12.34
N GLU A 29 -29.24 8.24 12.58
CA GLU A 29 -30.35 7.59 13.27
C GLU A 29 -30.94 6.40 12.51
N THR A 30 -30.97 6.47 11.19
CA THR A 30 -31.47 5.35 10.40
C THR A 30 -30.55 4.12 10.46
N PHE A 31 -29.26 4.37 10.67
CA PHE A 31 -28.30 3.29 10.91
C PHE A 31 -28.50 2.67 12.29
N LEU A 32 -28.79 3.52 13.28
CA LEU A 32 -28.85 3.10 14.67
C LEU A 32 -30.25 2.67 15.12
N LYS A 33 -31.26 2.88 14.27
CA LYS A 33 -32.62 2.45 14.59
C LYS A 33 -32.66 0.97 15.01
N ASP A 34 -33.38 0.70 16.10
CA ASP A 34 -33.50 -0.65 16.64
C ASP A 34 -32.14 -1.33 16.78
N PHE A 35 -31.17 -0.58 17.30
CA PHE A 35 -29.82 -1.12 17.48
C PHE A 35 -29.91 -2.48 18.17
N PRO A 36 -29.27 -3.51 17.57
CA PRO A 36 -29.52 -4.86 18.10
C PRO A 36 -28.79 -5.15 19.39
N SER A 37 -29.40 -6.01 20.20
CA SER A 37 -28.93 -6.31 21.54
C SER A 37 -27.63 -7.10 21.55
N ASP A 38 -27.29 -7.74 20.45
CA ASP A 38 -26.04 -8.48 20.39
C ASP A 38 -24.86 -7.63 19.91
N PHE A 39 -25.13 -6.35 19.65
CA PHE A 39 -24.05 -5.39 19.39
C PHE A 39 -23.96 -4.49 20.62
N ASN A 40 -22.82 -3.81 20.77
CA ASN A 40 -22.65 -2.84 21.85
C ASN A 40 -22.42 -1.47 21.25
N TYR A 41 -23.19 -0.48 21.69
CA TYR A 41 -22.96 0.91 21.32
C TYR A 41 -22.35 1.62 22.51
N VAL A 42 -21.24 2.30 22.28
CA VAL A 42 -20.54 3.05 23.32
C VAL A 42 -20.56 4.53 23.00
N LEU A 43 -21.30 5.30 23.78
CA LEU A 43 -21.40 6.75 23.58
C LEU A 43 -20.16 7.44 24.10
N ALA A 44 -19.62 8.37 23.31
CA ALA A 44 -18.72 9.36 23.86
C ALA A 44 -19.20 10.77 23.46
N LEU A 45 -18.81 11.76 24.26
CA LEU A 45 -19.39 13.10 24.15
C LEU A 45 -18.76 13.98 23.07
N GLN A 46 -17.60 13.58 22.55
CA GLN A 46 -16.94 14.36 21.50
C GLN A 46 -16.16 13.39 20.63
N GLU A 47 -16.02 13.70 19.35
CA GLU A 47 -15.55 12.71 18.38
C GLU A 47 -14.08 12.32 18.46
N ALA A 48 -13.22 13.18 19.01
CA ALA A 48 -11.85 12.77 19.24
C ALA A 48 -11.86 11.58 20.22
N SER A 49 -12.70 11.66 21.25
CA SER A 49 -12.79 10.56 22.20
C SER A 49 -13.38 9.30 21.56
N VAL A 50 -14.39 9.50 20.71
CA VAL A 50 -15.00 8.36 20.00
C VAL A 50 -13.94 7.53 19.27
N VAL A 51 -13.11 8.20 18.47
CA VAL A 51 -12.10 7.51 17.68
C VAL A 51 -11.04 6.87 18.58
N ALA A 52 -10.57 7.60 19.58
CA ALA A 52 -9.52 7.06 20.45
C ALA A 52 -9.99 5.85 21.29
N ILE A 53 -11.23 5.91 21.78
CA ILE A 53 -11.81 4.77 22.50
C ILE A 53 -11.83 3.54 21.58
N ALA A 54 -12.34 3.73 20.37
CA ALA A 54 -12.36 2.65 19.39
C ALA A 54 -10.95 2.11 19.10
N ASP A 55 -9.98 3.01 19.00
CA ASP A 55 -8.60 2.66 18.73
C ASP A 55 -8.07 1.76 19.86
N GLY A 56 -8.21 2.22 21.11
CA GLY A 56 -7.80 1.41 22.25
C GLY A 56 -8.46 0.03 22.27
N LEU A 57 -9.78 -0.01 22.04
CA LEU A 57 -10.49 -1.28 22.01
C LEU A 57 -9.98 -2.18 20.87
N SER A 58 -9.85 -1.63 19.67
CA SER A 58 -9.35 -2.40 18.52
C SER A 58 -7.93 -2.94 18.77
N GLN A 59 -7.08 -2.16 19.44
CA GLN A 59 -5.74 -2.62 19.74
C GLN A 59 -5.79 -3.81 20.69
N SER A 60 -6.70 -3.72 21.67
CA SER A 60 -6.84 -4.78 22.66
C SER A 60 -7.31 -6.07 22.00
N LEU A 61 -8.29 -5.96 21.11
CA LEU A 61 -8.94 -7.14 20.53
C LEU A 61 -8.27 -7.69 19.27
N ARG A 62 -7.39 -6.89 18.65
CA ARG A 62 -6.79 -7.22 17.36
C ARG A 62 -7.83 -7.53 16.26
N LYS A 63 -8.84 -6.68 16.20
CA LYS A 63 -9.82 -6.71 15.13
C LYS A 63 -10.48 -5.34 15.04
N PRO A 64 -11.21 -5.10 13.96
CA PRO A 64 -11.80 -3.77 13.78
C PRO A 64 -12.87 -3.44 14.81
N VAL A 65 -13.04 -2.15 15.04
CA VAL A 65 -14.16 -1.61 15.80
C VAL A 65 -14.78 -0.55 14.87
N ILE A 66 -16.10 -0.42 14.90
CA ILE A 66 -16.77 0.60 14.10
C ILE A 66 -16.88 1.92 14.87
N VAL A 67 -16.51 3.00 14.20
CA VAL A 67 -16.76 4.35 14.69
C VAL A 67 -17.96 4.88 13.89
N ASN A 68 -18.93 5.46 14.58
CA ASN A 68 -20.09 6.05 13.89
C ASN A 68 -20.22 7.49 14.36
N ILE A 69 -19.95 8.44 13.46
CA ILE A 69 -20.00 9.85 13.81
C ILE A 69 -20.81 10.64 12.80
N HIS A 70 -21.02 11.92 13.11
CA HIS A 70 -22.05 12.70 12.44
C HIS A 70 -21.49 13.54 11.31
N THR A 71 -21.62 13.04 10.10
CA THR A 71 -21.27 13.77 8.87
C THR A 71 -19.91 14.50 8.96
N GLY A 72 -19.77 15.62 8.27
CA GLY A 72 -18.48 16.31 8.21
C GLY A 72 -18.11 16.95 9.54
N ALA A 73 -19.12 17.36 10.30
CA ALA A 73 -18.89 18.02 11.60
C ALA A 73 -18.20 17.08 12.56
N GLY A 74 -18.74 15.86 12.66
CA GLY A 74 -18.20 14.85 13.53
C GLY A 74 -16.86 14.35 13.03
N LEU A 75 -16.77 14.08 11.73
CA LEU A 75 -15.50 13.65 11.17
C LEU A 75 -14.41 14.69 11.42
N GLY A 76 -14.75 15.97 11.26
CA GLY A 76 -13.81 17.04 11.53
C GLY A 76 -13.25 17.01 12.94
N ASN A 77 -14.14 16.92 13.94
CA ASN A 77 -13.70 16.86 15.33
C ASN A 77 -12.79 15.67 15.60
N ALA A 78 -12.93 14.63 14.78
CA ALA A 78 -12.17 13.39 14.97
C ALA A 78 -10.82 13.32 14.25
N MET A 79 -10.48 14.32 13.44
CA MET A 79 -9.34 14.14 12.52
C MET A 79 -7.97 13.95 13.18
N GLY A 80 -7.77 14.58 14.35
CA GLY A 80 -6.51 14.42 15.07
C GLY A 80 -6.34 12.98 15.56
N CYS A 81 -7.38 12.44 16.16
CA CYS A 81 -7.30 11.05 16.60
C CYS A 81 -7.31 10.07 15.43
N LEU A 82 -7.87 10.46 14.29
CA LEU A 82 -7.82 9.59 13.13
C LEU A 82 -6.38 9.52 12.58
N LEU A 83 -5.70 10.66 12.50
CA LEU A 83 -4.28 10.68 12.17
C LEU A 83 -3.56 9.68 13.08
N THR A 84 -3.85 9.73 14.37
CA THR A 84 -3.17 8.87 15.32
C THR A 84 -3.50 7.38 15.09
N ALA A 85 -4.78 7.08 14.83
CA ALA A 85 -5.16 5.69 14.51
C ALA A 85 -4.40 5.18 13.28
N TYR A 86 -4.24 6.05 12.29
CA TYR A 86 -3.51 5.69 11.08
C TYR A 86 -2.05 5.35 11.42
N GLN A 87 -1.39 6.19 12.22
CA GLN A 87 0.00 5.94 12.55
C GLN A 87 0.18 4.76 13.53
N ASN A 88 -0.85 4.50 14.33
CA ASN A 88 -0.90 3.31 15.21
C ASN A 88 -1.12 2.03 14.40
N LYS A 89 -1.52 2.18 13.14
CA LYS A 89 -1.89 1.06 12.27
C LYS A 89 -3.08 0.25 12.80
N THR A 90 -4.10 0.96 13.29
CA THR A 90 -5.26 0.31 13.88
C THR A 90 -6.35 0.20 12.83
N PRO A 91 -6.91 -1.02 12.66
CA PRO A 91 -7.88 -1.25 11.59
C PRO A 91 -9.31 -0.79 11.92
N LEU A 92 -9.49 0.50 12.22
CA LEU A 92 -10.81 1.04 12.51
C LEU A 92 -11.62 1.20 11.24
N ILE A 93 -12.92 0.92 11.33
CA ILE A 93 -13.83 1.25 10.24
C ILE A 93 -14.59 2.50 10.63
N ILE A 94 -14.16 3.63 10.07
CA ILE A 94 -14.77 4.91 10.39
C ILE A 94 -16.00 5.13 9.51
N THR A 95 -17.16 5.27 10.13
CA THR A 95 -18.36 5.56 9.36
C THR A 95 -18.96 6.89 9.78
N ALA A 96 -19.40 7.67 8.81
CA ALA A 96 -20.14 8.89 9.11
C ALA A 96 -21.41 8.93 8.27
N GLY A 97 -22.53 9.29 8.90
CA GLY A 97 -23.74 9.50 8.13
C GLY A 97 -23.54 10.65 7.17
N GLN A 98 -24.33 10.63 6.10
CA GLN A 98 -24.32 11.64 5.06
C GLN A 98 -25.77 12.05 4.84
N GLN A 99 -25.98 13.26 4.31
CA GLN A 99 -27.34 13.72 3.99
C GLN A 99 -28.00 12.76 3.01
N THR A 100 -29.33 12.77 2.99
CA THR A 100 -30.08 11.87 2.14
C THR A 100 -29.79 12.10 0.65
N ARG A 101 -29.71 11.01 -0.12
CA ARG A 101 -29.53 11.14 -1.57
C ARG A 101 -30.66 11.96 -2.20
N GLU A 102 -31.78 12.10 -1.51
CA GLU A 102 -32.89 12.88 -2.02
C GLU A 102 -32.51 14.36 -2.15
N MET A 103 -31.51 14.79 -1.37
CA MET A 103 -31.11 16.21 -1.38
C MET A 103 -29.63 16.46 -1.67
N LEU A 104 -28.83 15.40 -1.66
CA LEU A 104 -27.36 15.52 -1.71
C LEU A 104 -26.82 16.46 -2.79
N LEU A 105 -27.39 16.40 -3.98
CA LEU A 105 -26.90 17.19 -5.10
C LEU A 105 -26.85 18.68 -4.79
N ASN A 106 -27.84 19.16 -4.03
CA ASN A 106 -27.90 20.58 -3.74
C ASN A 106 -27.34 20.97 -2.36
N GLU A 107 -26.74 20.01 -1.67
CA GLU A 107 -25.92 20.27 -0.48
C GLU A 107 -26.62 21.08 0.63
N PRO A 108 -27.67 20.50 1.21
CA PRO A 108 -28.37 21.12 2.34
C PRO A 108 -27.48 21.09 3.58
N LEU A 109 -28.00 21.60 4.70
CA LEU A 109 -27.27 21.62 5.95
C LEU A 109 -26.71 20.24 6.27
N LEU A 110 -25.48 20.21 6.77
CA LEU A 110 -24.86 18.99 7.28
C LEU A 110 -24.57 17.95 6.19
N THR A 111 -24.46 18.41 4.95
CA THR A 111 -23.88 17.60 3.90
C THR A 111 -22.38 17.51 4.11
N ASN A 112 -21.85 16.30 4.02
CA ASN A 112 -20.42 16.12 4.10
C ASN A 112 -19.87 16.29 2.68
N ILE A 113 -19.56 17.53 2.32
CA ILE A 113 -19.23 17.88 0.94
C ILE A 113 -17.87 17.29 0.54
N GLU A 114 -17.81 16.63 -0.62
CA GLU A 114 -16.61 15.89 -1.01
C GLU A 114 -16.11 15.03 0.14
N ALA A 115 -17.02 14.24 0.71
CA ALA A 115 -16.72 13.45 1.89
C ALA A 115 -15.45 12.61 1.76
N ILE A 116 -15.22 12.02 0.58
CA ILE A 116 -14.08 11.10 0.49
C ILE A 116 -12.75 11.81 0.64
N ASN A 117 -12.73 13.11 0.40
CA ASN A 117 -11.48 13.86 0.51
C ASN A 117 -11.17 14.40 1.89
N MET A 118 -12.19 14.53 2.73
CA MET A 118 -11.96 15.09 4.06
C MET A 118 -10.93 14.34 4.92
N PRO A 119 -11.04 13.00 5.03
CA PRO A 119 -10.11 12.28 5.92
C PRO A 119 -8.72 12.05 5.33
N LYS A 120 -8.53 12.31 4.04
CA LYS A 120 -7.20 12.22 3.42
C LYS A 120 -6.27 13.26 4.08
N PRO A 121 -5.00 12.90 4.31
CA PRO A 121 -4.32 11.68 3.87
C PRO A 121 -4.25 10.60 4.95
N TRP A 122 -5.26 10.53 5.82
CA TRP A 122 -5.14 9.70 7.01
C TRP A 122 -6.05 8.47 7.06
N VAL A 123 -6.39 7.94 5.89
CA VAL A 123 -7.08 6.66 5.79
C VAL A 123 -6.50 5.83 4.64
N LYS A 124 -6.64 4.51 4.73
CA LYS A 124 -6.18 3.63 3.65
C LYS A 124 -7.12 3.68 2.45
N TRP A 125 -8.36 4.08 2.69
CA TRP A 125 -9.42 4.08 1.70
C TRP A 125 -10.55 4.94 2.22
N SER A 126 -11.17 5.69 1.32
CA SER A 126 -12.33 6.51 1.68
CA SER A 126 -12.29 6.56 1.66
C SER A 126 -13.34 6.42 0.54
N TYR A 127 -14.61 6.24 0.90
CA TYR A 127 -15.60 5.89 -0.11
C TYR A 127 -17.01 6.29 0.28
N GLU A 128 -17.81 6.66 -0.72
CA GLU A 128 -19.25 6.87 -0.54
C GLU A 128 -19.96 5.98 -1.56
N PRO A 129 -20.61 4.90 -1.09
CA PRO A 129 -21.16 3.91 -2.04
C PRO A 129 -22.04 4.53 -3.13
N ALA A 130 -21.94 3.97 -4.34
CA ALA A 130 -22.62 4.53 -5.51
C ALA A 130 -24.12 4.23 -5.53
N ARG A 131 -24.57 3.32 -4.66
CA ARG A 131 -26.00 3.03 -4.51
C ARG A 131 -26.22 2.26 -3.21
N PRO A 132 -27.47 2.27 -2.69
CA PRO A 132 -27.76 1.51 -1.47
C PRO A 132 -27.36 0.04 -1.57
N GLU A 133 -27.57 -0.55 -2.74
CA GLU A 133 -27.22 -1.95 -2.98
C GLU A 133 -25.76 -2.28 -2.66
N ASP A 134 -24.89 -1.28 -2.78
CA ASP A 134 -23.45 -1.49 -2.58
C ASP A 134 -22.99 -1.35 -1.14
N VAL A 135 -23.90 -0.97 -0.22
CA VAL A 135 -23.47 -0.68 1.14
C VAL A 135 -22.85 -1.90 1.86
N PRO A 136 -23.52 -3.06 1.84
CA PRO A 136 -22.91 -4.23 2.49
C PRO A 136 -21.55 -4.56 1.88
N GLY A 137 -21.45 -4.57 0.56
CA GLY A 137 -20.18 -4.83 -0.09
C GLY A 137 -19.10 -3.81 0.27
N ALA A 138 -19.50 -2.56 0.47
CA ALA A 138 -18.57 -1.50 0.88
C ALA A 138 -18.02 -1.75 2.29
N PHE A 139 -18.88 -2.24 3.18
CA PHE A 139 -18.40 -2.67 4.49
C PHE A 139 -17.40 -3.82 4.39
N MET A 140 -17.67 -4.78 3.51
CA MET A 140 -16.70 -5.87 3.33
C MET A 140 -15.36 -5.35 2.78
N ARG A 141 -15.42 -4.49 1.77
CA ARG A 141 -14.18 -3.90 1.23
C ARG A 141 -13.48 -3.07 2.29
N ALA A 142 -14.26 -2.36 3.11
CA ALA A 142 -13.69 -1.58 4.21
C ALA A 142 -12.92 -2.49 5.18
N TYR A 143 -13.55 -3.59 5.61
CA TYR A 143 -12.91 -4.54 6.49
C TYR A 143 -11.63 -5.12 5.87
N ALA A 144 -11.75 -5.55 4.61
CA ALA A 144 -10.62 -6.15 3.89
C ALA A 144 -9.46 -5.18 3.79
N THR A 145 -9.76 -3.93 3.43
CA THR A 145 -8.71 -2.93 3.27
C THR A 145 -8.01 -2.65 4.60
N ALA A 146 -8.80 -2.53 5.67
CA ALA A 146 -8.26 -2.20 6.98
C ALA A 146 -7.40 -3.32 7.55
N MET A 147 -7.80 -4.57 7.31
CA MET A 147 -7.19 -5.71 7.98
C MET A 147 -5.95 -6.30 7.30
N GLN A 148 -5.74 -5.97 6.03
CA GLN A 148 -4.51 -6.36 5.34
C GLN A 148 -3.34 -5.49 5.76
N GLN A 149 -2.18 -6.11 5.86
CA GLN A 149 -0.98 -5.41 6.34
C GLN A 149 -0.52 -4.41 5.28
N PRO A 150 -0.05 -3.21 5.70
CA PRO A 150 -0.02 -2.68 7.06
C PRO A 150 -1.42 -2.21 7.42
N GLN A 151 -1.93 -2.67 8.56
CA GLN A 151 -3.30 -2.35 8.93
C GLN A 151 -3.50 -0.86 9.19
N GLY A 152 -4.75 -0.41 9.10
CA GLY A 152 -5.03 1.00 9.27
C GLY A 152 -6.48 1.34 9.03
N PRO A 153 -6.89 2.58 9.35
CA PRO A 153 -8.30 2.95 9.29
C PRO A 153 -8.80 3.25 7.89
N VAL A 154 -10.09 3.04 7.69
CA VAL A 154 -10.77 3.35 6.43
C VAL A 154 -12.02 4.17 6.75
N PHE A 155 -12.57 4.84 5.73
CA PHE A 155 -13.71 5.73 5.95
C PHE A 155 -14.83 5.47 4.95
N LEU A 156 -16.04 5.28 5.47
CA LEU A 156 -17.25 5.19 4.64
C LEU A 156 -18.22 6.33 4.97
N SER A 157 -18.70 7.01 3.94
CA SER A 157 -19.73 8.02 4.04
C SER A 157 -21.04 7.39 3.57
N LEU A 158 -22.04 7.40 4.45
CA LEU A 158 -23.24 6.58 4.25
C LEU A 158 -24.53 7.42 4.27
N PRO A 159 -25.08 7.73 3.09
CA PRO A 159 -26.32 8.51 3.03
C PRO A 159 -27.46 7.89 3.86
N LEU A 160 -28.18 8.71 4.61
CA LEU A 160 -29.09 8.21 5.65
C LEU A 160 -30.26 7.40 5.10
N ASP A 161 -30.62 7.68 3.85
CA ASP A 161 -31.76 7.03 3.23
C ASP A 161 -31.47 5.62 2.71
N ASP A 162 -30.21 5.21 2.70
CA ASP A 162 -29.86 3.90 2.14
C ASP A 162 -30.37 2.74 3.01
N TRP A 163 -30.38 2.96 4.32
CA TRP A 163 -30.53 1.88 5.28
C TRP A 163 -31.85 1.11 5.19
N GLU A 164 -32.93 1.82 4.86
CA GLU A 164 -34.26 1.22 4.81
C GLU A 164 -34.59 0.62 3.44
N LYS A 165 -33.68 0.75 2.48
CA LYS A 165 -33.95 0.23 1.13
C LYS A 165 -33.94 -1.30 1.13
N LEU A 166 -34.94 -1.90 0.48
CA LEU A 166 -34.94 -3.34 0.25
C LEU A 166 -34.05 -3.65 -0.95
N ILE A 167 -33.11 -4.58 -0.76
CA ILE A 167 -32.17 -4.92 -1.81
C ILE A 167 -32.03 -6.44 -1.91
N PRO A 168 -31.56 -6.93 -3.07
CA PRO A 168 -31.35 -8.37 -3.23
C PRO A 168 -30.40 -8.91 -2.17
N GLU A 169 -30.72 -10.09 -1.66
CA GLU A 169 -29.87 -10.75 -0.69
C GLU A 169 -28.68 -11.34 -1.42
N VAL A 170 -27.53 -10.65 -1.35
CA VAL A 170 -26.29 -11.13 -1.94
C VAL A 170 -25.27 -11.41 -0.84
N ASP A 171 -24.57 -12.53 -0.97
CA ASP A 171 -23.57 -12.93 -0.01
C ASP A 171 -22.27 -12.19 -0.33
N VAL A 172 -21.92 -11.19 0.49
CA VAL A 172 -20.72 -10.42 0.21
C VAL A 172 -19.55 -10.79 1.10
N ALA A 173 -19.79 -11.61 2.12
CA ALA A 173 -18.72 -11.95 3.06
C ALA A 173 -17.53 -12.66 2.41
N ARG A 174 -16.33 -12.21 2.78
CA ARG A 174 -15.07 -12.75 2.27
C ARG A 174 -14.09 -12.82 3.43
N THR A 175 -12.94 -13.46 3.23
CA THR A 175 -11.85 -13.38 4.18
C THR A 175 -10.56 -12.93 3.50
N VAL A 176 -9.64 -12.39 4.29
CA VAL A 176 -8.37 -11.89 3.77
C VAL A 176 -7.23 -12.31 4.68
N SER A 177 -6.01 -12.18 4.19
CA SER A 177 -4.84 -12.37 5.02
C SER A 177 -4.57 -11.08 5.77
N THR A 178 -3.95 -11.19 6.94
CA THR A 178 -3.65 -10.03 7.75
C THR A 178 -2.15 -9.89 7.98
N ARG A 179 -1.38 -10.73 7.29
CA ARG A 179 0.07 -10.74 7.42
C ARG A 179 0.68 -11.07 6.08
N GLN A 180 1.87 -10.50 5.83
CA GLN A 180 2.70 -10.92 4.72
C GLN A 180 4.11 -11.17 5.22
N GLY A 181 4.73 -12.19 4.65
CA GLY A 181 6.08 -12.59 5.04
C GLY A 181 7.15 -11.96 4.19
N PRO A 182 8.41 -12.24 4.54
CA PRO A 182 9.57 -11.64 3.90
C PRO A 182 9.97 -12.38 2.64
N ASP A 183 10.64 -11.70 1.72
CA ASP A 183 11.28 -12.36 0.60
C ASP A 183 12.37 -13.27 1.18
N PRO A 184 12.26 -14.59 0.94
CA PRO A 184 13.29 -15.53 1.46
C PRO A 184 14.72 -15.16 1.04
N ASP A 185 14.89 -14.61 -0.16
CA ASP A 185 16.23 -14.16 -0.61
C ASP A 185 16.77 -13.04 0.28
N LYS A 186 15.88 -12.18 0.77
CA LYS A 186 16.28 -11.07 1.62
C LYS A 186 16.57 -11.56 3.03
N VAL A 187 15.79 -12.54 3.51
CA VAL A 187 16.09 -13.12 4.81
C VAL A 187 17.50 -13.73 4.79
N LYS A 188 17.82 -14.44 3.72
CA LYS A 188 19.13 -15.05 3.57
C LYS A 188 20.23 -13.98 3.56
N GLU A 189 20.02 -12.94 2.77
CA GLU A 189 20.96 -11.82 2.70
C GLU A 189 21.16 -11.18 4.08
N PHE A 190 20.05 -10.91 4.78
CA PHE A 190 20.14 -10.28 6.10
C PHE A 190 20.84 -11.18 7.10
N ALA A 191 20.52 -12.48 7.06
CA ALA A 191 21.14 -13.44 7.98
C ALA A 191 22.65 -13.50 7.74
N GLN A 192 23.05 -13.47 6.47
CA GLN A 192 24.47 -13.47 6.15
C GLN A 192 25.18 -12.26 6.74
N ARG A 193 24.56 -11.09 6.60
CA ARG A 193 25.14 -9.86 7.17
C ARG A 193 25.28 -10.00 8.68
N ILE A 194 24.23 -10.50 9.31
CA ILE A 194 24.23 -10.62 10.77
C ILE A 194 25.31 -11.60 11.25
N THR A 195 25.37 -12.74 10.58
CA THR A 195 26.34 -13.79 10.93
C THR A 195 27.78 -13.27 10.81
N ALA A 196 28.02 -12.45 9.79
CA ALA A 196 29.36 -11.92 9.54
C ALA A 196 29.77 -10.76 10.45
N SER A 197 28.78 -10.11 11.06
CA SER A 197 29.06 -8.94 11.90
C SER A 197 29.80 -9.32 13.18
N LYS A 198 30.61 -8.39 13.68
CA LYS A 198 31.41 -8.61 14.89
C LYS A 198 30.63 -8.28 16.14
N ASN A 199 29.87 -7.19 16.08
CA ASN A 199 29.22 -6.65 17.27
C ASN A 199 27.87 -6.02 16.91
N PRO A 200 26.91 -6.85 16.50
CA PRO A 200 25.61 -6.33 16.07
C PRO A 200 24.83 -5.70 17.23
N LEU A 201 23.98 -4.74 16.90
CA LEU A 201 23.10 -4.12 17.90
C LEU A 201 21.67 -4.16 17.37
N LEU A 202 20.74 -4.53 18.23
CA LEU A 202 19.34 -4.66 17.84
C LEU A 202 18.51 -3.48 18.29
N ILE A 203 17.67 -2.95 17.40
CA ILE A 203 16.71 -1.92 17.76
C ILE A 203 15.33 -2.46 17.41
N TYR A 204 14.47 -2.59 18.43
CA TYR A 204 13.13 -3.17 18.23
C TYR A 204 12.04 -2.09 18.32
N GLY A 205 11.08 -2.17 17.41
CA GLY A 205 9.95 -1.27 17.42
C GLY A 205 8.63 -2.00 17.61
N SER A 206 7.54 -1.24 17.58
CA SER A 206 6.26 -1.75 18.03
C SER A 206 5.50 -2.69 17.09
N ASP A 207 6.00 -2.92 15.88
CA ASP A 207 5.41 -3.96 15.03
C ASP A 207 5.47 -5.29 15.77
N ILE A 208 6.51 -5.45 16.60
CA ILE A 208 6.68 -6.66 17.38
C ILE A 208 5.53 -6.84 18.37
N ALA A 209 5.05 -5.73 18.93
CA ALA A 209 3.94 -5.78 19.86
C ALA A 209 2.66 -6.18 19.13
N ARG A 210 2.35 -5.46 18.06
CA ARG A 210 1.12 -5.70 17.30
C ARG A 210 1.07 -7.12 16.75
N SER A 211 2.20 -7.60 16.25
CA SER A 211 2.24 -8.91 15.59
CA SER A 211 2.24 -8.91 15.59
C SER A 211 2.43 -10.08 16.56
N GLN A 212 2.45 -9.76 17.86
CA GLN A 212 2.58 -10.80 18.89
C GLN A 212 3.88 -11.57 18.79
N ALA A 213 4.95 -10.85 18.48
CA ALA A 213 6.26 -11.44 18.26
C ALA A 213 7.18 -11.35 19.49
N TRP A 214 6.59 -11.06 20.64
CA TRP A 214 7.34 -10.86 21.88
C TRP A 214 8.38 -11.96 22.12
N SER A 215 7.93 -13.22 22.13
CA SER A 215 8.83 -14.32 22.43
CA SER A 215 8.82 -14.34 22.41
C SER A 215 9.86 -14.54 21.32
N ASP A 216 9.46 -14.30 20.07
CA ASP A 216 10.36 -14.44 18.93
C ASP A 216 11.47 -13.38 18.94
N GLY A 217 11.13 -12.18 19.43
CA GLY A 217 12.13 -11.14 19.57
C GLY A 217 13.13 -11.50 20.66
N ILE A 218 12.66 -12.13 21.74
CA ILE A 218 13.54 -12.56 22.81
C ILE A 218 14.48 -13.66 22.31
N ALA A 219 13.90 -14.64 21.62
CA ALA A 219 14.71 -15.73 21.06
C ALA A 219 15.81 -15.21 20.14
N PHE A 220 15.46 -14.28 19.27
CA PHE A 220 16.40 -13.71 18.32
C PHE A 220 17.54 -13.00 19.03
N ALA A 221 17.21 -12.16 20.01
CA ALA A 221 18.21 -11.40 20.75
C ALA A 221 19.15 -12.32 21.53
N GLU A 222 18.58 -13.36 22.12
CA GLU A 222 19.36 -14.30 22.93
C GLU A 222 20.27 -15.15 22.03
N ARG A 223 19.81 -15.41 20.82
CA ARG A 223 20.61 -16.13 19.83
C ARG A 223 21.88 -15.34 19.48
N LEU A 224 21.74 -14.03 19.39
CA LEU A 224 22.88 -13.16 19.05
C LEU A 224 23.64 -12.64 20.26
N ASN A 225 23.03 -12.76 21.44
CA ASN A 225 23.59 -12.14 22.63
C ASN A 225 23.95 -10.68 22.37
N ALA A 226 23.09 -9.99 21.65
CA ALA A 226 23.32 -8.58 21.30
C ALA A 226 22.50 -7.66 22.19
N PRO A 227 23.01 -6.44 22.43
CA PRO A 227 22.22 -5.46 23.17
C PRO A 227 20.96 -5.10 22.38
N VAL A 228 19.86 -4.89 23.11
CA VAL A 228 18.60 -4.51 22.50
C VAL A 228 18.18 -3.13 23.00
N TRP A 229 17.85 -2.24 22.08
CA TRP A 229 17.28 -0.94 22.44
C TRP A 229 15.88 -0.85 21.87
N ALA A 230 15.01 -0.13 22.56
CA ALA A 230 13.71 0.20 21.98
C ALA A 230 13.89 1.39 21.03
N ALA A 231 13.27 1.32 19.87
CA ALA A 231 13.29 2.44 18.93
C ALA A 231 12.75 3.71 19.61
N PRO A 232 13.18 4.90 19.14
CA PRO A 232 12.64 6.14 19.73
C PRO A 232 11.13 6.20 19.57
N PHE A 233 10.45 6.68 20.60
CA PHE A 233 9.00 6.83 20.52
C PHE A 233 8.28 5.54 20.12
N ALA A 234 8.71 4.43 20.70
CA ALA A 234 8.01 3.17 20.50
C ALA A 234 6.73 3.19 21.34
N GLU A 235 5.60 3.16 20.64
CA GLU A 235 4.28 3.32 21.23
C GLU A 235 3.89 2.17 22.14
N ARG A 236 4.47 0.99 21.88
CA ARG A 236 4.17 -0.21 22.65
C ARG A 236 5.44 -1.02 22.85
N THR A 237 5.61 -1.52 24.08
CA THR A 237 6.84 -2.19 24.49
C THR A 237 7.20 -3.35 23.55
N PRO A 238 8.41 -3.31 22.96
CA PRO A 238 8.75 -4.41 22.06
C PRO A 238 9.65 -5.50 22.67
N PHE A 239 10.15 -5.30 23.88
CA PHE A 239 11.11 -6.23 24.46
C PHE A 239 11.05 -6.12 26.00
N PRO A 240 11.18 -7.25 26.72
CA PRO A 240 11.10 -7.16 28.18
C PRO A 240 12.18 -6.23 28.73
N GLU A 241 11.78 -5.22 29.49
CA GLU A 241 12.70 -4.14 29.82
C GLU A 241 13.59 -4.44 31.02
N ASP A 242 13.37 -5.60 31.66
CA ASP A 242 14.28 -6.06 32.70
C ASP A 242 15.17 -7.22 32.20
N HIS A 243 15.08 -7.55 30.92
CA HIS A 243 15.93 -8.57 30.34
C HIS A 243 17.39 -8.09 30.34
N PRO A 244 18.33 -8.98 30.67
CA PRO A 244 19.75 -8.58 30.75
C PRO A 244 20.28 -7.91 29.49
N LEU A 245 19.71 -8.23 28.34
CA LEU A 245 20.21 -7.65 27.09
C LEU A 245 19.64 -6.25 26.84
N PHE A 246 18.57 -5.89 27.55
CA PHE A 246 17.88 -4.64 27.24
C PHE A 246 18.63 -3.42 27.77
N GLN A 247 18.89 -2.46 26.89
CA GLN A 247 19.70 -1.30 27.26
C GLN A 247 18.87 -0.07 27.65
N GLY A 248 17.71 0.08 27.01
CA GLY A 248 16.82 1.21 27.29
C GLY A 248 16.16 1.70 26.01
N ALA A 249 15.55 2.89 26.08
CA ALA A 249 14.89 3.50 24.93
C ALA A 249 15.82 4.50 24.30
N LEU A 250 15.95 4.47 22.97
CA LEU A 250 16.83 5.41 22.31
C LEU A 250 16.24 6.81 22.34
N THR A 251 17.12 7.81 22.42
CA THR A 251 16.70 9.19 22.34
C THR A 251 16.32 9.48 20.89
N SER A 252 15.71 10.63 20.65
CA SER A 252 15.04 10.86 19.37
C SER A 252 15.65 11.97 18.50
N GLY A 253 16.90 12.34 18.77
CA GLY A 253 17.63 13.21 17.87
C GLY A 253 18.61 12.41 17.02
N ILE A 254 18.92 12.90 15.81
CA ILE A 254 19.85 12.21 14.94
C ILE A 254 21.20 11.99 15.62
N GLY A 255 21.79 13.07 16.12
CA GLY A 255 23.09 13.00 16.77
C GLY A 255 23.10 12.30 18.10
N SER A 256 22.00 12.39 18.85
CA SER A 256 21.94 11.74 20.15
C SER A 256 21.75 10.23 20.03
N LEU A 257 20.88 9.81 19.13
CA LEU A 257 20.69 8.38 18.89
C LEU A 257 22.01 7.78 18.39
N GLU A 258 22.65 8.44 17.42
CA GLU A 258 23.93 8.01 16.89
C GLU A 258 24.93 7.73 18.01
N LYS A 259 25.04 8.64 18.97
CA LYS A 259 26.01 8.48 20.04
C LYS A 259 25.71 7.26 20.90
N GLN A 260 24.43 6.97 21.08
CA GLN A 260 24.03 5.85 21.91
C GLN A 260 24.37 4.49 21.31
N ILE A 261 24.47 4.41 20.00
CA ILE A 261 24.67 3.13 19.34
C ILE A 261 26.10 2.95 18.81
N GLN A 262 26.98 3.88 19.15
CA GLN A 262 28.38 3.78 18.75
C GLN A 262 29.03 2.48 19.25
N GLY A 263 29.99 1.97 18.49
CA GLY A 263 30.74 0.80 18.90
C GLY A 263 30.21 -0.51 18.33
N HIS A 264 29.24 -0.41 17.42
CA HIS A 264 28.62 -1.59 16.83
C HIS A 264 28.66 -1.49 15.31
N ASP A 265 29.13 -2.54 14.65
CA ASP A 265 29.32 -2.48 13.19
C ASP A 265 28.03 -2.65 12.39
N LEU A 266 27.08 -3.39 12.95
CA LEU A 266 25.83 -3.64 12.24
C LEU A 266 24.65 -3.25 13.13
N ILE A 267 23.78 -2.38 12.60
CA ILE A 267 22.58 -1.98 13.34
C ILE A 267 21.37 -2.70 12.72
N VAL A 268 20.69 -3.50 13.52
CA VAL A 268 19.57 -4.30 13.04
C VAL A 268 18.25 -3.80 13.63
N VAL A 269 17.45 -3.14 12.81
CA VAL A 269 16.19 -2.55 13.26
C VAL A 269 15.01 -3.42 12.86
N ILE A 270 14.27 -3.94 13.83
CA ILE A 270 13.13 -4.81 13.53
C ILE A 270 11.82 -4.19 14.01
N GLY A 271 10.92 -3.90 13.07
CA GLY A 271 9.57 -3.47 13.41
C GLY A 271 9.42 -2.00 13.75
N ALA A 272 10.27 -1.17 13.17
CA ALA A 272 10.29 0.26 13.47
C ALA A 272 10.64 1.10 12.25
N PRO A 273 10.19 2.36 12.26
CA PRO A 273 10.71 3.37 11.34
C PRO A 273 12.21 3.56 11.58
N VAL A 274 12.90 4.03 10.55
CA VAL A 274 14.30 4.39 10.68
C VAL A 274 14.46 5.85 10.27
N PHE A 275 14.38 6.79 11.22
CA PHE A 275 13.96 6.56 12.60
C PHE A 275 12.91 7.61 12.96
N ARG A 276 12.17 7.35 14.04
CA ARG A 276 11.14 8.28 14.49
C ARG A 276 11.76 9.39 15.33
N TYR A 277 12.50 10.27 14.65
CA TYR A 277 13.14 11.41 15.31
C TYR A 277 12.12 12.46 15.71
N TYR A 278 12.52 13.35 16.61
CA TYR A 278 11.62 14.43 17.01
C TYR A 278 12.36 15.78 17.03
N PRO A 279 13.20 16.02 18.05
CA PRO A 279 13.99 17.25 18.04
C PRO A 279 15.05 17.19 16.96
N TRP A 280 15.43 18.36 16.44
CA TRP A 280 16.55 18.45 15.51
C TRP A 280 17.85 18.50 16.30
N ILE A 281 18.66 17.46 16.14
CA ILE A 281 19.99 17.37 16.74
C ILE A 281 20.91 16.87 15.65
N ALA A 282 21.73 17.76 15.12
CA ALA A 282 22.55 17.43 13.96
C ALA A 282 23.52 16.29 14.27
N GLY A 283 23.75 15.46 13.26
CA GLY A 283 24.76 14.41 13.35
C GLY A 283 24.62 13.45 12.20
N GLN A 284 25.15 12.25 12.39
CA GLN A 284 25.07 11.19 11.40
CA GLN A 284 25.06 11.19 11.39
C GLN A 284 23.99 10.19 11.81
N PHE A 285 23.30 9.60 10.84
CA PHE A 285 22.22 8.67 11.18
C PHE A 285 22.73 7.45 11.96
N ILE A 286 23.86 6.89 11.54
CA ILE A 286 24.47 5.78 12.25
C ILE A 286 25.97 6.00 12.30
N PRO A 287 26.66 5.34 13.24
CA PRO A 287 28.10 5.60 13.43
C PRO A 287 28.90 5.36 12.16
N GLU A 288 29.89 6.20 11.91
CA GLU A 288 30.78 6.02 10.78
C GLU A 288 31.29 4.57 10.78
N GLY A 289 31.26 3.93 9.62
CA GLY A 289 31.77 2.58 9.51
C GLY A 289 30.71 1.51 9.68
N SER A 290 29.59 1.86 10.33
CA SER A 290 28.51 0.90 10.51
CA SER A 290 28.48 0.94 10.53
C SER A 290 27.58 0.88 9.30
N THR A 291 26.73 -0.14 9.26
CA THR A 291 25.68 -0.24 8.24
C THR A 291 24.42 -0.68 8.96
N LEU A 292 23.28 -0.57 8.30
CA LEU A 292 22.00 -0.83 8.95
C LEU A 292 21.09 -1.75 8.14
N LEU A 293 20.37 -2.64 8.84
CA LEU A 293 19.30 -3.42 8.24
C LEU A 293 17.99 -2.98 8.87
N GLN A 294 16.92 -2.95 8.07
CA GLN A 294 15.59 -2.58 8.57
C GLN A 294 14.52 -3.59 8.12
N VAL A 295 13.66 -4.00 9.05
CA VAL A 295 12.46 -4.78 8.72
C VAL A 295 11.26 -3.98 9.23
N SER A 296 10.28 -3.73 8.37
CA SER A 296 9.03 -3.10 8.78
C SER A 296 7.90 -3.80 8.06
N ASP A 297 6.71 -3.81 8.65
CA ASP A 297 5.57 -4.40 7.95
C ASP A 297 4.88 -3.40 7.01
N ASP A 298 5.39 -2.18 6.99
CA ASP A 298 4.79 -1.07 6.26
C ASP A 298 5.73 -0.54 5.18
N PRO A 299 5.41 -0.78 3.90
CA PRO A 299 6.29 -0.30 2.82
C PRO A 299 6.51 1.22 2.88
N ASN A 300 5.58 1.97 3.49
CA ASN A 300 5.80 3.40 3.64
C ASN A 300 7.03 3.69 4.51
N MET A 301 7.18 2.93 5.58
CA MET A 301 8.31 3.14 6.51
C MET A 301 9.65 2.84 5.85
N THR A 302 9.73 1.72 5.16
CA THR A 302 10.98 1.38 4.50
C THR A 302 11.26 2.34 3.32
N SER A 303 10.21 2.84 2.67
CA SER A 303 10.41 3.72 1.52
C SER A 303 11.08 5.04 1.88
N LYS A 304 10.94 5.46 3.14
CA LYS A 304 11.41 6.78 3.56
C LYS A 304 12.51 6.75 4.64
N ALA A 305 13.06 5.56 4.90
CA ALA A 305 14.14 5.41 5.88
C ALA A 305 15.32 6.34 5.56
N VAL A 306 16.02 6.80 6.59
CA VAL A 306 17.15 7.70 6.38
C VAL A 306 18.41 6.96 5.88
N VAL A 307 18.46 5.66 6.14
CA VAL A 307 19.66 4.88 5.84
C VAL A 307 19.29 3.40 5.81
N GLY A 308 20.09 2.61 5.10
CA GLY A 308 20.06 1.16 5.30
C GLY A 308 19.53 0.29 4.18
N ASP A 309 19.66 -1.01 4.37
CA ASP A 309 19.03 -2.00 3.49
C ASP A 309 17.81 -2.55 4.20
N SER A 310 16.66 -2.50 3.53
CA SER A 310 15.41 -2.87 4.16
C SER A 310 14.69 -4.01 3.46
N LEU A 311 13.77 -4.64 4.19
CA LEU A 311 12.78 -5.52 3.58
C LEU A 311 11.43 -5.30 4.26
N VAL A 312 10.35 -5.58 3.54
CA VAL A 312 9.01 -5.48 4.11
C VAL A 312 8.54 -6.85 4.59
N SER A 313 8.13 -6.92 5.84
CA SER A 313 7.66 -8.17 6.43
C SER A 313 6.96 -7.94 7.76
N ASP A 314 5.97 -8.77 8.04
CA ASP A 314 5.48 -8.93 9.39
C ASP A 314 6.65 -9.25 10.31
N SER A 315 6.70 -8.63 11.48
CA SER A 315 7.83 -8.83 12.37
C SER A 315 7.96 -10.28 12.84
N LYS A 316 6.83 -10.89 13.17
CA LYS A 316 6.86 -12.26 13.67
C LYS A 316 7.38 -13.21 12.58
N LEU A 317 6.84 -13.08 11.38
CA LEU A 317 7.26 -13.93 10.27
C LEU A 317 8.75 -13.76 10.00
N PHE A 318 9.25 -12.53 10.03
CA PHE A 318 10.68 -12.33 9.83
C PHE A 318 11.53 -12.95 10.93
N LEU A 319 11.16 -12.71 12.18
CA LEU A 319 11.96 -13.21 13.30
C LEU A 319 12.02 -14.75 13.29
N ILE A 320 10.91 -15.38 12.95
CA ILE A 320 10.86 -16.84 12.86
C ILE A 320 11.79 -17.36 11.76
N GLU A 321 11.73 -16.72 10.58
CA GLU A 321 12.57 -17.14 9.47
C GLU A 321 14.07 -16.87 9.72
N ALA A 322 14.38 -15.73 10.32
CA ALA A 322 15.77 -15.35 10.51
C ALA A 322 16.41 -16.24 11.55
N LEU A 323 15.66 -16.59 12.60
CA LEU A 323 16.16 -17.46 13.66
C LEU A 323 16.73 -18.75 13.07
N LYS A 324 16.07 -19.27 12.03
CA LYS A 324 16.48 -20.50 11.38
C LYS A 324 17.88 -20.44 10.76
N LEU A 325 18.34 -19.23 10.45
CA LEU A 325 19.56 -19.08 9.66
C LEU A 325 20.74 -18.51 10.43
N ILE A 326 20.56 -18.23 11.71
CA ILE A 326 21.60 -17.61 12.52
C ILE A 326 22.06 -18.54 13.64
N ASP A 327 23.38 -18.64 13.81
CA ASP A 327 23.94 -19.51 14.84
C ASP A 327 24.07 -18.80 16.19
N GLN A 328 23.93 -19.58 17.25
CA GLN A 328 24.12 -19.08 18.61
C GLN A 328 25.49 -18.46 18.83
N ARG A 329 25.53 -17.29 19.45
CA ARG A 329 26.80 -16.68 19.85
C ARG A 329 27.06 -16.81 21.35
N GLU A 330 28.34 -16.74 21.74
CA GLU A 330 28.69 -16.77 23.15
C GLU A 330 28.44 -15.41 23.78
N LYS A 331 28.21 -15.40 25.10
CA LYS A 331 28.02 -14.14 25.82
C LYS A 331 29.20 -13.22 25.53
N ASN A 332 28.91 -11.96 25.22
CA ASN A 332 29.96 -11.04 24.80
C ASN A 332 30.05 -9.78 25.65
N ASN A 333 29.87 -9.94 26.96
CA ASN A 333 29.93 -8.83 27.90
C ASN A 333 29.04 -7.64 27.52
N THR A 334 27.86 -7.93 26.98
CA THR A 334 26.82 -6.92 26.82
C THR A 334 26.44 -6.40 28.20
N PRO A 335 26.50 -5.07 28.38
CA PRO A 335 26.27 -4.53 29.73
C PRO A 335 24.82 -4.68 30.22
N GLN A 336 24.65 -4.69 31.53
CA GLN A 336 23.34 -4.73 32.16
C GLN A 336 22.94 -3.31 32.53
N ARG A 337 21.71 -2.91 32.20
CA ARG A 337 21.28 -1.55 32.53
C ARG A 337 21.27 -1.34 34.04
N SER A 338 21.51 -0.10 34.46
CA SER A 338 21.52 0.27 35.86
C SER A 338 20.17 -0.01 36.49
N PRO A 339 20.16 -0.40 37.77
CA PRO A 339 18.89 -0.51 38.49
C PRO A 339 18.19 0.84 38.57
N MET A 340 16.88 0.78 38.79
CA MET A 340 16.07 1.97 39.01
C MET A 340 16.71 2.80 40.11
N THR A 341 16.84 4.11 39.87
CA THR A 341 17.30 5.04 40.90
C THR A 341 16.20 5.31 41.92
N LYS A 342 16.58 5.89 43.06
CA LYS A 342 15.65 6.18 44.14
C LYS A 342 15.63 7.69 44.39
N GLU A 343 14.50 8.32 44.10
CA GLU A 343 14.36 9.77 44.23
C GLU A 343 14.22 10.16 45.70
N ASP A 344 14.57 11.40 46.01
CA ASP A 344 14.42 11.96 47.34
C ASP A 344 12.94 12.21 47.65
N ARG A 345 12.36 11.36 48.50
CA ARG A 345 10.94 11.46 48.82
C ARG A 345 10.65 12.54 49.84
N THR A 346 11.70 13.12 50.40
CA THR A 346 11.52 14.16 51.39
C THR A 346 11.34 15.52 50.72
N ALA A 347 11.62 15.59 49.43
CA ALA A 347 11.58 16.87 48.71
C ALA A 347 10.14 17.30 48.47
N MET A 348 9.92 18.61 48.64
CA MET A 348 8.64 19.24 48.35
C MET A 348 8.94 20.53 47.61
N PRO A 349 8.17 20.83 46.55
CA PRO A 349 7.05 20.07 45.99
C PRO A 349 7.47 18.67 45.51
N LEU A 350 6.48 17.78 45.40
CA LEU A 350 6.74 16.39 45.05
C LEU A 350 7.45 16.25 43.70
N ARG A 351 8.42 15.34 43.66
CA ARG A 351 9.16 15.07 42.42
C ARG A 351 8.54 13.90 41.69
N PRO A 352 8.37 14.03 40.36
CA PRO A 352 7.66 13.00 39.61
C PRO A 352 8.30 11.59 39.67
N HIS A 353 9.63 11.46 39.74
CA HIS A 353 10.22 10.13 39.86
C HIS A 353 9.74 9.46 41.15
N ALA A 354 9.61 10.24 42.23
CA ALA A 354 9.14 9.65 43.49
C ALA A 354 7.67 9.26 43.39
N VAL A 355 6.87 10.10 42.75
CA VAL A 355 5.47 9.80 42.50
C VAL A 355 5.36 8.47 41.74
N LEU A 356 6.15 8.34 40.69
CA LEU A 356 6.15 7.11 39.89
C LEU A 356 6.56 5.88 40.71
N GLU A 357 7.62 6.02 41.52
CA GLU A 357 8.04 4.94 42.41
C GLU A 357 6.93 4.48 43.35
N VAL A 358 6.18 5.43 43.90
CA VAL A 358 5.07 5.11 44.78
C VAL A 358 3.97 4.34 44.04
N LEU A 359 3.70 4.73 42.80
CA LEU A 359 2.71 4.00 42.01
C LEU A 359 3.21 2.59 41.71
N LYS A 360 4.46 2.48 41.29
CA LYS A 360 5.04 1.18 40.94
C LYS A 360 5.00 0.20 42.14
N GLU A 361 5.48 0.66 43.29
CA GLU A 361 5.62 -0.24 44.43
C GLU A 361 4.28 -0.65 45.04
N ASN A 362 3.20 0.02 44.65
CA ASN A 362 1.86 -0.34 45.11
C ASN A 362 0.98 -0.94 44.02
N SER A 363 1.56 -1.20 42.85
CA SER A 363 0.81 -1.76 41.73
C SER A 363 0.75 -3.28 41.79
N PRO A 364 -0.40 -3.85 41.41
CA PRO A 364 -0.43 -5.32 41.28
C PRO A 364 0.43 -5.79 40.12
N LYS A 365 0.72 -7.08 40.09
CA LYS A 365 1.56 -7.62 39.03
C LYS A 365 0.95 -7.38 37.65
N GLU A 366 -0.36 -7.50 37.53
CA GLU A 366 -1.01 -7.32 36.24
C GLU A 366 -1.84 -6.04 36.10
N ILE A 367 -1.27 -5.05 35.43
CA ILE A 367 -1.98 -3.82 35.09
C ILE A 367 -1.76 -3.53 33.61
N VAL A 368 -2.58 -2.64 33.07
CA VAL A 368 -2.28 -2.03 31.77
C VAL A 368 -1.80 -0.63 32.11
N LEU A 369 -0.71 -0.19 31.47
CA LEU A 369 -0.15 1.12 31.74
C LEU A 369 -0.22 1.98 30.48
N VAL A 370 -0.82 3.15 30.60
CA VAL A 370 -0.95 4.09 29.48
C VAL A 370 -0.29 5.40 29.89
N GLU A 371 0.34 6.10 28.96
CA GLU A 371 1.04 7.33 29.31
C GLU A 371 0.85 8.45 28.29
N GLU A 372 0.55 9.64 28.80
CA GLU A 372 0.55 10.87 28.00
C GLU A 372 0.88 12.01 28.95
N CYS A 373 2.14 12.01 29.40
CA CYS A 373 2.66 13.03 30.30
C CYS A 373 4.09 13.26 29.82
N PRO A 374 4.23 14.09 28.78
CA PRO A 374 5.49 14.13 28.04
C PRO A 374 6.74 14.38 28.87
N SER A 375 6.71 15.31 29.81
CA SER A 375 7.96 15.66 30.51
C SER A 375 8.52 14.53 31.39
N ILE A 376 7.68 13.57 31.79
CA ILE A 376 8.13 12.51 32.69
C ILE A 376 8.53 11.19 32.01
N VAL A 377 8.47 11.14 30.68
CA VAL A 377 8.73 9.88 29.98
C VAL A 377 10.03 9.15 30.42
N PRO A 378 11.17 9.87 30.48
CA PRO A 378 12.39 9.16 30.90
C PRO A 378 12.28 8.60 32.32
N LEU A 379 11.60 9.32 33.20
CA LEU A 379 11.43 8.85 34.57
C LEU A 379 10.56 7.59 34.59
N MET A 380 9.50 7.60 33.79
CA MET A 380 8.63 6.44 33.68
C MET A 380 9.40 5.23 33.17
N GLN A 381 10.25 5.45 32.17
CA GLN A 381 11.07 4.38 31.62
C GLN A 381 12.03 3.80 32.65
N ASP A 382 12.47 4.62 33.61
CA ASP A 382 13.35 4.11 34.66
C ASP A 382 12.60 3.26 35.67
N VAL A 383 11.36 3.65 35.94
CA VAL A 383 10.61 3.08 37.05
C VAL A 383 9.76 1.91 36.62
N PHE A 384 8.95 2.12 35.59
CA PHE A 384 8.06 1.09 35.09
C PHE A 384 8.76 0.31 33.98
N ARG A 385 9.51 -0.72 34.36
CA ARG A 385 10.18 -1.54 33.36
C ARG A 385 9.26 -2.66 32.94
N ILE A 386 8.63 -2.48 31.78
CA ILE A 386 7.57 -3.35 31.29
C ILE A 386 8.16 -4.69 30.85
N ASN A 387 7.67 -5.78 31.44
CA ASN A 387 8.24 -7.10 31.14
C ASN A 387 7.23 -8.15 30.65
N GLN A 388 6.07 -7.67 30.21
CA GLN A 388 5.05 -8.53 29.63
C GLN A 388 4.48 -7.85 28.40
N PRO A 389 4.05 -8.63 27.40
CA PRO A 389 3.39 -8.06 26.23
C PRO A 389 2.02 -7.47 26.59
N ASP A 390 1.49 -6.65 25.69
CA ASP A 390 0.14 -6.08 25.80
C ASP A 390 -0.12 -5.46 27.16
N THR A 391 0.86 -4.70 27.64
CA THR A 391 0.80 -4.09 28.95
C THR A 391 0.94 -2.57 28.86
N PHE A 392 1.92 -2.09 28.09
CA PHE A 392 2.14 -0.65 27.94
C PHE A 392 1.64 -0.12 26.60
N TYR A 393 0.92 0.99 26.64
CA TYR A 393 0.41 1.61 25.42
C TYR A 393 0.51 3.13 25.48
N THR A 394 0.94 3.73 24.37
CA THR A 394 0.82 5.18 24.20
C THR A 394 0.60 5.42 22.69
N PHE A 395 0.50 6.68 22.30
CA PHE A 395 0.31 7.01 20.88
C PHE A 395 1.58 6.86 20.03
N ALA A 396 1.40 6.57 18.75
CA ALA A 396 2.53 6.53 17.81
C ALA A 396 2.81 7.91 17.21
N SER A 397 1.91 8.86 17.44
CA SER A 397 1.84 10.09 16.66
C SER A 397 2.28 11.37 17.38
N GLY A 398 2.28 11.33 18.72
CA GLY A 398 2.52 12.53 19.51
C GLY A 398 1.33 13.48 19.62
N GLY A 399 0.18 13.10 19.06
CA GLY A 399 -1.01 13.93 19.12
C GLY A 399 -1.76 13.84 20.44
N LEU A 400 -1.65 14.88 21.25
CA LEU A 400 -2.30 14.89 22.55
C LEU A 400 -3.82 14.78 22.43
N GLY A 401 -4.44 14.15 23.42
CA GLY A 401 -5.88 13.91 23.39
C GLY A 401 -6.22 12.46 23.04
N TRP A 402 -5.21 11.64 22.78
CA TRP A 402 -5.47 10.26 22.40
C TRP A 402 -5.55 9.34 23.61
N ASP A 403 -4.63 9.49 24.55
CA ASP A 403 -4.43 8.46 25.58
C ASP A 403 -5.54 8.38 26.62
N LEU A 404 -6.09 9.53 27.00
CA LEU A 404 -7.17 9.53 27.98
C LEU A 404 -8.36 8.67 27.51
N PRO A 405 -8.92 8.99 26.33
CA PRO A 405 -9.97 8.09 25.83
C PRO A 405 -9.47 6.70 25.41
N ALA A 406 -8.24 6.58 24.92
CA ALA A 406 -7.76 5.25 24.52
C ALA A 406 -7.73 4.30 25.72
N ALA A 407 -7.40 4.84 26.89
CA ALA A 407 -7.41 4.07 28.13
C ALA A 407 -8.77 3.44 28.38
N VAL A 408 -9.83 4.20 28.13
CA VAL A 408 -11.19 3.67 28.27
C VAL A 408 -11.40 2.51 27.30
N GLY A 409 -10.91 2.66 26.08
CA GLY A 409 -11.05 1.60 25.09
C GLY A 409 -10.28 0.34 25.50
N LEU A 410 -9.07 0.53 26.03
CA LEU A 410 -8.25 -0.58 26.51
C LEU A 410 -8.97 -1.29 27.66
N ALA A 411 -9.60 -0.50 28.53
CA ALA A 411 -10.39 -1.05 29.63
C ALA A 411 -11.59 -1.87 29.15
N LEU A 412 -12.30 -1.36 28.14
CA LEU A 412 -13.39 -2.11 27.54
C LEU A 412 -12.87 -3.45 27.00
N GLY A 413 -11.65 -3.42 26.46
CA GLY A 413 -10.99 -4.63 25.97
C GLY A 413 -10.72 -5.65 27.06
N GLU A 414 -10.30 -5.17 28.22
CA GLU A 414 -10.07 -6.04 29.37
C GLU A 414 -11.35 -6.75 29.78
N GLU A 415 -12.49 -6.08 29.63
CA GLU A 415 -13.75 -6.72 29.99
C GLU A 415 -14.20 -7.70 28.92
N VAL A 416 -13.96 -7.37 27.66
CA VAL A 416 -14.28 -8.31 26.58
C VAL A 416 -13.47 -9.60 26.68
N SER A 417 -12.17 -9.46 26.88
CA SER A 417 -11.30 -10.64 26.99
C SER A 417 -11.60 -11.38 28.28
N GLY A 418 -12.00 -10.63 29.30
CA GLY A 418 -12.28 -11.20 30.59
C GLY A 418 -11.11 -11.13 31.55
N ARG A 419 -9.98 -10.63 31.08
CA ARG A 419 -8.78 -10.55 31.90
C ARG A 419 -8.92 -9.53 33.03
N ASN A 420 -9.60 -8.43 32.73
CA ASN A 420 -9.99 -7.44 33.72
C ASN A 420 -8.86 -6.77 34.52
N ARG A 421 -7.74 -6.52 33.87
CA ARG A 421 -6.68 -5.74 34.49
C ARG A 421 -7.11 -4.28 34.61
N PRO A 422 -6.73 -3.60 35.71
CA PRO A 422 -6.97 -2.17 35.78
C PRO A 422 -6.09 -1.43 34.77
N VAL A 423 -6.60 -0.33 34.20
CA VAL A 423 -5.77 0.48 33.30
C VAL A 423 -5.31 1.72 34.03
N VAL A 424 -4.01 1.79 34.34
CA VAL A 424 -3.46 2.93 35.05
C VAL A 424 -2.88 3.91 34.02
N THR A 425 -3.33 5.15 34.08
CA THR A 425 -3.04 6.12 33.01
C THR A 425 -2.32 7.36 33.56
N LEU A 426 -1.07 7.56 33.15
CA LEU A 426 -0.24 8.66 33.64
C LEU A 426 -0.42 9.86 32.72
N MET A 427 -1.04 10.92 33.24
CA MET A 427 -1.47 12.04 32.39
C MET A 427 -0.84 13.35 32.83
N GLY A 428 -0.37 14.16 31.88
CA GLY A 428 -0.01 15.52 32.22
C GLY A 428 -1.26 16.37 32.39
N ASP A 429 -1.16 17.47 33.13
CA ASP A 429 -2.32 18.34 33.30
C ASP A 429 -2.77 19.04 31.99
N GLY A 430 -1.80 19.43 31.15
CA GLY A 430 -2.12 19.97 29.84
C GLY A 430 -2.76 18.93 28.93
N SER A 431 -2.10 17.77 28.83
CA SER A 431 -2.59 16.67 28.01
C SER A 431 -4.01 16.26 28.38
N PHE A 432 -4.28 16.22 29.68
CA PHE A 432 -5.59 15.82 30.22
C PHE A 432 -6.75 16.61 29.60
N GLN A 433 -6.50 17.87 29.25
CA GLN A 433 -7.57 18.76 28.76
C GLN A 433 -8.09 18.45 27.35
N TYR A 434 -7.24 17.89 26.49
CA TYR A 434 -7.62 17.82 25.08
C TYR A 434 -8.87 16.99 24.84
N SER A 435 -8.97 15.85 25.53
CA SER A 435 -10.10 14.95 25.36
C SER A 435 -10.68 14.58 26.73
N VAL A 436 -10.75 15.58 27.60
CA VAL A 436 -11.23 15.40 28.96
C VAL A 436 -12.61 14.71 29.00
N GLN A 437 -13.41 14.93 27.95
CA GLN A 437 -14.77 14.38 27.92
C GLN A 437 -14.78 12.85 27.97
N GLY A 438 -13.67 12.23 27.57
CA GLY A 438 -13.55 10.78 27.56
C GLY A 438 -13.86 10.15 28.92
N ILE A 439 -13.60 10.90 29.99
CA ILE A 439 -13.87 10.41 31.34
C ILE A 439 -15.32 9.93 31.48
N TYR A 440 -16.23 10.67 30.87
CA TYR A 440 -17.65 10.34 30.93
C TYR A 440 -17.92 8.91 30.47
N THR A 441 -17.28 8.51 29.39
CA THR A 441 -17.49 7.16 28.85
C THR A 441 -16.97 6.12 29.84
N GLY A 442 -15.80 6.40 30.41
CA GLY A 442 -15.26 5.54 31.45
C GLY A 442 -16.25 5.34 32.59
N VAL A 443 -16.81 6.44 33.09
CA VAL A 443 -17.75 6.37 34.19
C VAL A 443 -19.03 5.62 33.79
N GLN A 444 -19.60 5.98 32.66
CA GLN A 444 -20.87 5.40 32.22
C GLN A 444 -20.74 3.90 31.90
N GLN A 445 -19.59 3.49 31.37
CA GLN A 445 -19.34 2.09 31.05
C GLN A 445 -18.79 1.31 32.25
N LYS A 446 -18.51 2.03 33.34
CA LYS A 446 -17.92 1.46 34.55
C LYS A 446 -16.59 0.75 34.28
N THR A 447 -15.78 1.33 33.41
CA THR A 447 -14.44 0.79 33.15
C THR A 447 -13.51 1.05 34.34
N HIS A 448 -12.62 0.10 34.60
CA HIS A 448 -11.67 0.26 35.68
C HIS A 448 -10.44 0.99 35.13
N VAL A 449 -10.45 2.31 35.29
CA VAL A 449 -9.41 3.16 34.74
C VAL A 449 -9.01 4.15 35.81
N ILE A 450 -7.72 4.29 36.03
CA ILE A 450 -7.21 5.16 37.08
C ILE A 450 -6.32 6.21 36.45
N TYR A 451 -6.80 7.45 36.43
CA TYR A 451 -6.02 8.55 35.88
C TYR A 451 -5.20 9.19 36.98
N VAL A 452 -3.88 9.16 36.82
CA VAL A 452 -3.01 9.88 37.73
C VAL A 452 -2.50 11.09 36.99
N VAL A 453 -2.91 12.27 37.44
CA VAL A 453 -2.58 13.51 36.75
C VAL A 453 -1.42 14.24 37.44
N PHE A 454 -0.34 14.40 36.70
CA PHE A 454 0.85 15.08 37.18
C PHE A 454 0.71 16.58 36.96
N GLN A 455 0.36 17.30 38.03
CA GLN A 455 0.01 18.71 37.88
C GLN A 455 1.19 19.66 38.16
N ASN A 456 1.86 20.11 37.10
CA ASN A 456 2.91 21.13 37.22
C ASN A 456 2.46 22.51 36.75
N GLU A 457 1.17 22.63 36.44
CA GLU A 457 0.56 23.89 35.99
C GLU A 457 1.26 24.50 34.79
N GLU A 458 1.75 23.66 33.89
CA GLU A 458 2.45 24.14 32.70
C GLU A 458 2.49 23.09 31.60
N TYR A 459 2.75 23.51 30.38
CA TYR A 459 3.10 22.58 29.32
C TYR A 459 4.61 22.35 29.46
N GLY A 460 4.99 21.49 30.41
CA GLY A 460 6.38 21.35 30.82
C GLY A 460 7.35 21.05 29.69
N ILE A 461 7.01 20.08 28.87
CA ILE A 461 7.95 19.65 27.84
C ILE A 461 8.18 20.76 26.81
N LEU A 462 7.21 21.65 26.64
CA LEU A 462 7.43 22.79 25.73
C LEU A 462 8.46 23.76 26.29
N LYS A 463 8.57 23.86 27.61
CA LYS A 463 9.61 24.69 28.21
C LYS A 463 10.97 24.00 28.07
N GLN A 464 10.97 22.67 28.12
CA GLN A 464 12.19 21.90 27.90
C GLN A 464 12.67 22.15 26.47
N PHE A 465 11.74 22.14 25.53
CA PHE A 465 12.07 22.44 24.14
C PHE A 465 12.53 23.86 23.93
N ALA A 466 11.91 24.81 24.63
CA ALA A 466 12.27 26.22 24.48
C ALA A 466 13.72 26.42 24.91
N GLU A 467 14.16 25.62 25.88
CA GLU A 467 15.53 25.67 26.40
C GLU A 467 16.52 25.08 25.41
N LEU A 468 16.29 23.83 25.02
CA LEU A 468 17.13 23.15 24.03
C LEU A 468 17.21 23.92 22.71
N GLU A 469 16.10 24.54 22.32
CA GLU A 469 16.06 25.18 21.01
CA GLU A 469 15.94 25.18 21.02
C GLU A 469 16.15 26.70 21.07
N GLN A 470 16.40 27.23 22.27
CA GLN A 470 16.63 28.65 22.48
C GLN A 470 15.53 29.58 21.93
N THR A 471 14.28 29.31 22.31
CA THR A 471 13.16 30.17 21.94
C THR A 471 12.52 30.75 23.20
N PRO A 472 13.11 31.81 23.76
CA PRO A 472 12.56 32.43 24.96
C PRO A 472 11.29 33.19 24.65
N ASN A 473 10.52 33.46 25.70
CA ASN A 473 9.36 34.33 25.62
C ASN A 473 8.26 33.81 24.69
N VAL A 474 8.13 32.48 24.63
CA VAL A 474 6.99 31.87 23.97
C VAL A 474 5.76 31.98 24.89
N PRO A 475 4.63 32.49 24.36
CA PRO A 475 3.43 32.60 25.19
C PRO A 475 2.67 31.28 25.30
N GLY A 476 1.72 31.24 26.23
CA GLY A 476 0.81 30.11 26.36
C GLY A 476 1.39 28.81 26.94
N LEU A 477 2.48 28.91 27.69
CA LEU A 477 3.10 27.70 28.22
C LEU A 477 2.69 27.40 29.66
N ASP A 478 2.08 28.38 30.33
CA ASP A 478 1.63 28.20 31.72
C ASP A 478 0.14 27.90 31.81
N LEU A 479 -0.22 27.05 32.77
CA LEU A 479 -1.61 26.61 32.93
C LEU A 479 -2.14 26.84 34.36
N PRO A 480 -2.18 28.09 34.80
CA PRO A 480 -2.78 28.36 36.11
C PRO A 480 -4.30 28.18 36.11
N GLY A 481 -4.85 28.01 37.30
CA GLY A 481 -6.29 28.03 37.47
C GLY A 481 -7.09 26.88 36.90
N LEU A 482 -6.53 25.69 36.81
CA LEU A 482 -7.32 24.51 36.44
C LEU A 482 -7.63 23.70 37.70
N ASP A 483 -8.90 23.39 37.89
CA ASP A 483 -9.30 22.52 39.01
C ASP A 483 -9.61 21.16 38.42
N ILE A 484 -8.60 20.30 38.42
CA ILE A 484 -8.73 19.02 37.77
C ILE A 484 -9.59 18.06 38.58
N VAL A 485 -9.63 18.22 39.91
CA VAL A 485 -10.56 17.45 40.73
C VAL A 485 -11.99 17.70 40.26
N ALA A 486 -12.31 18.97 40.05
CA ALA A 486 -13.65 19.34 39.55
C ALA A 486 -13.95 18.74 38.18
N GLN A 487 -12.92 18.59 37.35
CA GLN A 487 -13.10 17.96 36.03
C GLN A 487 -13.54 16.49 36.17
N GLY A 488 -12.91 15.77 37.08
CA GLY A 488 -13.31 14.41 37.38
C GLY A 488 -14.75 14.34 37.88
N LYS A 489 -15.08 15.23 38.83
CA LYS A 489 -16.42 15.30 39.39
C LYS A 489 -17.46 15.62 38.31
N ALA A 490 -17.09 16.48 37.38
CA ALA A 490 -17.99 16.90 36.31
C ALA A 490 -18.54 15.70 35.53
N TYR A 491 -17.72 14.68 35.36
CA TYR A 491 -18.10 13.52 34.55
C TYR A 491 -18.43 12.28 35.38
N GLY A 492 -18.44 12.48 36.70
CA GLY A 492 -18.89 11.43 37.63
C GLY A 492 -17.82 10.49 38.14
N ALA A 493 -16.56 10.79 37.89
CA ALA A 493 -15.47 9.94 38.38
C ALA A 493 -15.18 10.19 39.85
N LYS A 494 -14.66 9.17 40.54
CA LYS A 494 -14.05 9.37 41.84
C LYS A 494 -12.88 10.29 41.60
N SER A 495 -12.78 11.37 42.35
CA SER A 495 -11.80 12.41 42.05
CA SER A 495 -11.76 12.38 42.07
C SER A 495 -11.28 13.08 43.32
N LEU A 496 -9.97 13.20 43.44
CA LEU A 496 -9.39 13.90 44.59
C LEU A 496 -7.97 14.33 44.30
N LYS A 497 -7.50 15.29 45.08
CA LYS A 497 -6.13 15.76 45.00
C LYS A 497 -5.35 15.27 46.22
N VAL A 498 -4.13 14.79 45.99
CA VAL A 498 -3.28 14.32 47.09
C VAL A 498 -2.08 15.26 47.24
N GLU A 499 -1.63 15.48 48.47
CA GLU A 499 -0.55 16.43 48.69
C GLU A 499 0.72 15.79 49.25
N THR A 500 0.64 14.52 49.60
CA THR A 500 1.83 13.80 50.07
C THR A 500 1.92 12.43 49.43
N LEU A 501 3.10 11.83 49.48
CA LEU A 501 3.27 10.48 48.94
C LEU A 501 2.48 9.42 49.71
N ASP A 502 2.28 9.63 51.02
CA ASP A 502 1.42 8.71 51.77
C ASP A 502 -0.05 8.84 51.33
N GLU A 503 -0.50 10.07 51.09
CA GLU A 503 -1.85 10.27 50.58
C GLU A 503 -2.01 9.64 49.20
N LEU A 504 -0.97 9.78 48.38
CA LEU A 504 -0.98 9.14 47.07
C LEU A 504 -1.13 7.64 47.20
N LYS A 505 -0.35 7.02 48.08
CA LYS A 505 -0.44 5.57 48.26
C LYS A 505 -1.87 5.17 48.61
N THR A 506 -2.45 5.88 49.57
CA THR A 506 -3.80 5.55 50.03
C THR A 506 -4.82 5.69 48.89
N ALA A 507 -4.72 6.80 48.15
CA ALA A 507 -5.66 7.04 47.06
C ALA A 507 -5.52 6.01 45.94
N TYR A 508 -4.28 5.64 45.63
CA TYR A 508 -4.00 4.70 44.57
C TYR A 508 -4.51 3.30 44.90
N LEU A 509 -4.22 2.85 46.13
CA LEU A 509 -4.76 1.57 46.58
C LEU A 509 -6.29 1.54 46.55
N GLU A 510 -6.90 2.63 46.99
CA GLU A 510 -8.36 2.76 46.92
C GLU A 510 -8.86 2.66 45.48
N ALA A 511 -8.21 3.38 44.56
CA ALA A 511 -8.63 3.33 43.16
C ALA A 511 -8.47 1.91 42.59
N LEU A 512 -7.40 1.22 43.00
CA LEU A 512 -7.20 -0.16 42.56
C LEU A 512 -8.30 -1.11 43.04
N SER A 513 -8.89 -0.80 44.20
CA SER A 513 -9.95 -1.64 44.75
C SER A 513 -11.34 -1.25 44.24
N PHE A 514 -11.42 -0.12 43.55
CA PHE A 514 -12.70 0.40 43.06
C PHE A 514 -12.85 0.13 41.56
N LYS A 515 -13.79 -0.74 41.21
CA LYS A 515 -14.01 -1.11 39.81
C LYS A 515 -14.82 -0.02 39.11
N GLY A 516 -14.11 1.01 38.65
CA GLY A 516 -14.74 2.17 38.05
C GLY A 516 -13.63 3.14 37.73
N THR A 517 -14.01 4.35 37.33
CA THR A 517 -13.04 5.34 36.86
C THR A 517 -12.73 6.34 37.96
N SER A 518 -11.43 6.54 38.21
CA SER A 518 -10.93 7.44 39.25
C SER A 518 -9.95 8.46 38.68
N VAL A 519 -9.91 9.64 39.29
CA VAL A 519 -8.91 10.66 38.97
C VAL A 519 -8.16 11.03 40.25
N ILE A 520 -6.84 10.91 40.19
CA ILE A 520 -5.98 11.29 41.31
C ILE A 520 -5.06 12.41 40.85
N VAL A 521 -5.21 13.59 41.43
CA VAL A 521 -4.42 14.74 41.01
C VAL A 521 -3.23 14.89 41.95
N VAL A 522 -2.03 14.92 41.38
CA VAL A 522 -0.79 15.02 42.15
C VAL A 522 -0.05 16.29 41.76
N PRO A 523 -0.03 17.29 42.65
CA PRO A 523 0.79 18.48 42.37
C PRO A 523 2.26 18.11 42.42
N ILE A 524 3.03 18.50 41.41
CA ILE A 524 4.46 18.22 41.39
C ILE A 524 5.24 19.50 41.17
N THR A 525 6.54 19.41 41.40
CA THR A 525 7.44 20.51 41.12
C THR A 525 7.28 20.98 39.69
N LYS A 526 7.45 22.29 39.49
CA LYS A 526 7.42 22.90 38.17
C LYS A 526 8.79 22.85 37.53
N GLU A 527 9.80 22.48 38.30
CA GLU A 527 11.15 22.35 37.77
C GLU A 527 11.13 21.21 36.77
N LEU A 528 11.95 21.34 35.74
CA LEU A 528 11.98 20.35 34.66
C LEU A 528 13.40 19.91 34.37
N LYS A 529 13.58 18.61 34.24
CA LYS A 529 14.86 18.05 33.83
C LYS A 529 15.10 18.39 32.36
N PRO A 530 16.34 18.18 31.88
CA PRO A 530 16.69 18.38 30.46
C PRO A 530 15.95 17.38 29.58
N LEU A 531 15.73 17.73 28.32
CA LEU A 531 15.08 16.81 27.38
C LEU A 531 15.77 15.45 27.34
N ARG B 2 29.44 19.45 -4.09
CA ARG B 2 29.04 19.32 -5.50
C ARG B 2 27.63 19.82 -5.78
N THR B 3 27.22 19.87 -7.04
CA THR B 3 25.85 20.28 -7.36
C THR B 3 24.82 19.18 -7.13
N VAL B 4 23.58 19.60 -6.91
CA VAL B 4 22.47 18.67 -6.81
C VAL B 4 22.47 17.72 -8.01
N LYS B 5 22.65 18.28 -9.21
CA LYS B 5 22.68 17.47 -10.43
C LYS B 5 23.76 16.40 -10.39
N GLU B 6 24.99 16.79 -10.05
CA GLU B 6 26.11 15.86 -10.03
C GLU B 6 25.83 14.71 -9.07
N ILE B 7 25.37 15.05 -7.86
CA ILE B 7 25.10 14.05 -6.84
C ILE B 7 23.95 13.12 -7.22
N THR B 8 22.92 13.69 -7.84
CA THR B 8 21.74 12.92 -8.25
C THR B 8 22.07 11.93 -9.37
N PHE B 9 22.81 12.36 -10.38
CA PHE B 9 23.22 11.43 -11.42
C PHE B 9 24.10 10.31 -10.87
N ASP B 10 24.96 10.64 -9.90
CA ASP B 10 25.74 9.57 -9.29
C ASP B 10 24.86 8.56 -8.55
N LEU B 11 23.81 9.04 -7.88
CA LEU B 11 22.86 8.14 -7.23
C LEU B 11 22.21 7.22 -8.27
N LEU B 12 21.80 7.79 -9.41
CA LEU B 12 21.15 7.02 -10.44
C LEU B 12 22.10 5.94 -11.02
N ARG B 13 23.39 6.28 -11.14
CA ARG B 13 24.38 5.29 -11.56
C ARG B 13 24.42 4.12 -10.58
N LYS B 14 24.37 4.44 -9.29
CA LYS B 14 24.41 3.44 -8.23
C LYS B 14 23.18 2.55 -8.26
N LEU B 15 22.02 3.15 -8.52
CA LEU B 15 20.76 2.42 -8.60
C LEU B 15 20.62 1.70 -9.95
N GLN B 16 21.53 1.98 -10.88
CA GLN B 16 21.50 1.39 -12.21
C GLN B 16 20.24 1.77 -12.98
N VAL B 17 19.81 3.02 -12.80
CA VAL B 17 18.70 3.59 -13.55
C VAL B 17 19.27 4.68 -14.43
N THR B 18 19.65 4.32 -15.65
CA THR B 18 20.42 5.27 -16.45
C THR B 18 19.78 5.59 -17.80
N THR B 19 18.49 5.27 -17.93
CA THR B 19 17.75 5.66 -19.12
C THR B 19 16.68 6.68 -18.78
N VAL B 20 16.63 7.76 -19.56
CA VAL B 20 15.62 8.78 -19.42
C VAL B 20 14.82 8.86 -20.72
N VAL B 21 13.53 8.56 -20.66
CA VAL B 21 12.67 8.81 -21.81
C VAL B 21 12.01 10.16 -21.56
N GLY B 22 12.03 11.03 -22.55
CA GLY B 22 11.55 12.38 -22.33
C GLY B 22 11.04 13.14 -23.54
N ASN B 23 10.34 14.23 -23.25
CA ASN B 23 10.03 15.28 -24.20
C ASN B 23 10.39 16.56 -23.46
N PRO B 24 11.42 17.28 -23.94
CA PRO B 24 12.03 18.37 -23.18
C PRO B 24 11.22 19.66 -23.18
N GLY B 25 11.48 20.51 -22.19
CA GLY B 25 10.87 21.83 -22.09
C GLY B 25 11.84 22.73 -21.34
N SER B 26 11.50 24.02 -21.24
CA SER B 26 12.41 24.98 -20.62
CA SER B 26 12.41 24.99 -20.62
C SER B 26 12.75 24.63 -19.18
N THR B 27 11.75 24.11 -18.46
CA THR B 27 11.90 23.81 -17.04
C THR B 27 12.71 22.53 -16.78
N GLU B 28 13.04 21.80 -17.84
CA GLU B 28 13.83 20.58 -17.74
C GLU B 28 15.29 20.79 -18.16
N GLU B 29 15.60 21.95 -18.71
CA GLU B 29 16.92 22.15 -19.31
C GLU B 29 18.07 22.11 -18.30
N THR B 30 17.81 22.56 -17.06
CA THR B 30 18.87 22.51 -16.07
C THR B 30 19.16 21.09 -15.60
N PHE B 31 18.15 20.23 -15.64
CA PHE B 31 18.32 18.81 -15.36
C PHE B 31 19.09 18.11 -16.48
N LEU B 32 18.81 18.53 -17.72
CA LEU B 32 19.35 17.86 -18.91
C LEU B 32 20.68 18.44 -19.39
N LYS B 33 21.07 19.59 -18.84
CA LYS B 33 22.31 20.26 -19.22
C LYS B 33 23.50 19.29 -19.19
N ASP B 34 24.31 19.30 -20.26
CA ASP B 34 25.49 18.44 -20.32
C ASP B 34 25.14 17.00 -19.98
N PHE B 35 24.04 16.51 -20.54
CA PHE B 35 23.56 15.17 -20.26
C PHE B 35 24.71 14.18 -20.44
N PRO B 36 24.96 13.33 -19.42
CA PRO B 36 26.14 12.45 -19.43
C PRO B 36 26.09 11.32 -20.45
N SER B 37 27.27 11.00 -20.99
CA SER B 37 27.38 10.05 -22.08
C SER B 37 27.06 8.62 -21.67
N ASP B 38 27.16 8.34 -20.37
CA ASP B 38 26.84 6.99 -19.91
C ASP B 38 25.35 6.82 -19.57
N PHE B 39 24.57 7.87 -19.79
CA PHE B 39 23.12 7.78 -19.71
C PHE B 39 22.55 7.80 -21.13
N ASN B 40 21.33 7.29 -21.29
CA ASN B 40 20.62 7.37 -22.56
C ASN B 40 19.37 8.21 -22.46
N TYR B 41 19.28 9.24 -23.30
CA TYR B 41 18.07 10.03 -23.42
C TYR B 41 17.34 9.57 -24.68
N VAL B 42 16.08 9.20 -24.52
CA VAL B 42 15.25 8.76 -25.65
C VAL B 42 14.12 9.76 -25.84
N LEU B 43 14.17 10.51 -26.93
CA LEU B 43 13.15 11.51 -27.24
C LEU B 43 11.88 10.87 -27.79
N ALA B 44 10.72 11.31 -27.30
CA ALA B 44 9.47 11.05 -28.00
C ALA B 44 8.72 12.37 -28.22
N LEU B 45 7.84 12.41 -29.21
CA LEU B 45 7.25 13.66 -29.67
C LEU B 45 6.06 14.14 -28.87
N GLN B 46 5.52 13.26 -28.03
CA GLN B 46 4.33 13.57 -27.21
C GLN B 46 4.37 12.70 -25.96
N GLU B 47 3.84 13.25 -24.86
CA GLU B 47 4.08 12.66 -23.56
C GLU B 47 3.39 11.31 -23.29
N ALA B 48 2.28 11.03 -23.97
CA ALA B 48 1.67 9.72 -23.84
C ALA B 48 2.66 8.67 -24.35
N SER B 49 3.31 8.97 -25.48
CA SER B 49 4.36 8.07 -25.99
C SER B 49 5.56 7.98 -25.05
N VAL B 50 5.97 9.09 -24.47
CA VAL B 50 7.09 9.08 -23.52
C VAL B 50 6.85 8.05 -22.42
N VAL B 51 5.69 8.12 -21.78
CA VAL B 51 5.43 7.23 -20.65
C VAL B 51 5.33 5.78 -21.08
N ALA B 52 4.63 5.53 -22.19
CA ALA B 52 4.41 4.17 -22.66
C ALA B 52 5.72 3.51 -23.13
N ILE B 53 6.57 4.29 -23.79
CA ILE B 53 7.91 3.79 -24.14
C ILE B 53 8.68 3.39 -22.86
N ALA B 54 8.67 4.27 -21.87
CA ALA B 54 9.33 3.97 -20.60
C ALA B 54 8.73 2.72 -19.93
N ASP B 55 7.40 2.59 -20.03
CA ASP B 55 6.70 1.45 -19.46
C ASP B 55 7.20 0.15 -20.13
N GLY B 56 7.15 0.09 -21.46
CA GLY B 56 7.60 -1.09 -22.18
C GLY B 56 9.03 -1.46 -21.82
N LEU B 57 9.89 -0.46 -21.74
CA LEU B 57 11.30 -0.70 -21.40
C LEU B 57 11.44 -1.22 -19.96
N SER B 58 10.72 -0.60 -19.02
CA SER B 58 10.79 -1.02 -17.63
C SER B 58 10.27 -2.45 -17.47
N GLN B 59 9.21 -2.80 -18.20
CA GLN B 59 8.67 -4.17 -18.15
C GLN B 59 9.71 -5.17 -18.63
N SER B 60 10.41 -4.80 -19.70
CA SER B 60 11.42 -5.66 -20.27
C SER B 60 12.60 -5.86 -19.32
N LEU B 61 13.04 -4.78 -18.68
CA LEU B 61 14.25 -4.82 -17.86
C LEU B 61 14.00 -5.19 -16.37
N ARG B 62 12.75 -5.11 -15.94
CA ARG B 62 12.37 -5.33 -14.54
C ARG B 62 13.13 -4.40 -13.58
N LYS B 63 13.19 -3.13 -13.97
CA LYS B 63 13.74 -2.09 -13.09
C LYS B 63 13.19 -0.75 -13.55
N PRO B 64 13.37 0.29 -12.73
CA PRO B 64 12.79 1.58 -13.13
C PRO B 64 13.43 2.18 -14.36
N VAL B 65 12.65 3.03 -15.02
CA VAL B 65 13.11 3.90 -16.09
C VAL B 65 12.61 5.28 -15.69
N ILE B 66 13.40 6.31 -15.96
CA ILE B 66 13.00 7.68 -15.65
C ILE B 66 12.25 8.28 -16.82
N VAL B 67 11.13 8.91 -16.51
CA VAL B 67 10.40 9.73 -17.47
C VAL B 67 10.70 11.18 -17.11
N ASN B 68 10.99 12.00 -18.10
CA ASN B 68 11.22 13.42 -17.88
C ASN B 68 10.36 14.23 -18.84
N ILE B 69 9.37 14.91 -18.28
CA ILE B 69 8.42 15.65 -19.10
C ILE B 69 8.23 17.06 -18.57
N HIS B 70 7.47 17.87 -19.30
CA HIS B 70 7.48 19.30 -19.11
C HIS B 70 6.33 19.77 -18.24
N THR B 71 6.64 20.04 -16.97
CA THR B 71 5.69 20.63 -16.00
C THR B 71 4.25 20.08 -16.11
N GLY B 72 3.25 20.92 -15.86
CA GLY B 72 1.86 20.47 -15.89
C GLY B 72 1.33 20.07 -17.26
N ALA B 73 1.71 20.83 -18.29
CA ALA B 73 1.24 20.55 -19.64
C ALA B 73 1.68 19.16 -20.11
N GLY B 74 2.95 18.84 -19.88
CA GLY B 74 3.48 17.54 -20.22
C GLY B 74 2.90 16.41 -19.39
N LEU B 75 2.85 16.59 -18.06
CA LEU B 75 2.24 15.58 -17.21
C LEU B 75 0.79 15.32 -17.65
N GLY B 76 0.08 16.39 -17.98
CA GLY B 76 -1.30 16.27 -18.43
C GLY B 76 -1.45 15.39 -19.66
N ASN B 77 -0.63 15.64 -20.68
CA ASN B 77 -0.67 14.83 -21.91
C ASN B 77 -0.40 13.36 -21.61
N ALA B 78 0.31 13.10 -20.51
CA ALA B 78 0.76 11.75 -20.18
C ALA B 78 -0.20 10.98 -19.25
N MET B 79 -1.26 11.60 -18.77
CA MET B 79 -2.05 10.99 -17.69
C MET B 79 -2.75 9.67 -18.03
N GLY B 80 -3.14 9.51 -19.30
CA GLY B 80 -3.76 8.27 -19.74
C GLY B 80 -2.78 7.12 -19.66
N CYS B 81 -1.59 7.31 -20.23
CA CYS B 81 -0.58 6.26 -20.15
C CYS B 81 -0.06 6.08 -18.72
N LEU B 82 -0.11 7.14 -17.90
CA LEU B 82 0.28 6.99 -16.50
C LEU B 82 -0.72 6.09 -15.76
N LEU B 83 -2.01 6.29 -15.99
CA LEU B 83 -3.02 5.38 -15.46
C LEU B 83 -2.66 3.94 -15.84
N THR B 84 -2.32 3.74 -17.12
CA THR B 84 -1.99 2.40 -17.59
C THR B 84 -0.73 1.82 -16.92
N ALA B 85 0.31 2.64 -16.75
CA ALA B 85 1.52 2.22 -16.05
C ALA B 85 1.20 1.79 -14.62
N TYR B 86 0.31 2.54 -13.97
CA TYR B 86 -0.10 2.22 -12.60
C TYR B 86 -0.77 0.84 -12.59
N GLN B 87 -1.71 0.62 -13.50
CA GLN B 87 -2.43 -0.66 -13.56
C GLN B 87 -1.56 -1.84 -14.04
N ASN B 88 -0.55 -1.55 -14.86
CA ASN B 88 0.48 -2.52 -15.23
C ASN B 88 1.42 -2.86 -14.07
N LYS B 89 1.37 -2.06 -13.01
CA LYS B 89 2.32 -2.18 -11.90
C LYS B 89 3.79 -1.98 -12.30
N THR B 90 4.03 -0.98 -13.16
CA THR B 90 5.37 -0.69 -13.65
C THR B 90 6.04 0.38 -12.77
N PRO B 91 7.28 0.09 -12.30
CA PRO B 91 7.95 1.01 -11.38
C PRO B 91 8.64 2.18 -12.07
N LEU B 92 7.85 2.99 -12.78
CA LEU B 92 8.37 4.19 -13.43
C LEU B 92 8.61 5.32 -12.44
N ILE B 93 9.69 6.06 -12.66
CA ILE B 93 9.93 7.27 -11.89
C ILE B 93 9.62 8.45 -12.81
N ILE B 94 8.43 9.02 -12.64
CA ILE B 94 7.98 10.13 -13.48
C ILE B 94 8.52 11.42 -12.86
N THR B 95 9.26 12.18 -13.65
CA THR B 95 9.77 13.48 -13.21
C THR B 95 9.26 14.55 -14.15
N ALA B 96 8.88 15.69 -13.60
CA ALA B 96 8.53 16.84 -14.42
C ALA B 96 9.23 18.05 -13.82
N GLY B 97 9.79 18.88 -14.70
CA GLY B 97 10.34 20.12 -14.25
C GLY B 97 9.25 21.01 -13.68
N GLN B 98 9.66 21.98 -12.88
CA GLN B 98 8.73 22.91 -12.25
C GLN B 98 9.38 24.29 -12.40
N GLN B 99 8.58 25.36 -12.36
CA GLN B 99 9.15 26.70 -12.37
C GLN B 99 10.13 26.91 -11.23
N THR B 100 10.98 27.91 -11.38
CA THR B 100 11.98 28.20 -10.38
C THR B 100 11.37 28.63 -9.04
N ARG B 101 11.97 28.14 -7.94
CA ARG B 101 11.52 28.55 -6.60
C ARG B 101 11.50 30.08 -6.47
N GLU B 102 12.33 30.76 -7.25
CA GLU B 102 12.37 32.23 -7.21
C GLU B 102 11.01 32.85 -7.54
N MET B 103 10.20 32.14 -8.33
CA MET B 103 8.93 32.71 -8.81
C MET B 103 7.69 31.86 -8.46
N LEU B 104 7.94 30.64 -7.98
CA LEU B 104 6.88 29.65 -7.79
C LEU B 104 5.65 30.19 -7.03
N LEU B 105 5.89 30.96 -5.98
CA LEU B 105 4.80 31.49 -5.15
C LEU B 105 3.75 32.24 -5.97
N ASN B 106 4.19 32.98 -6.98
CA ASN B 106 3.27 33.82 -7.76
C ASN B 106 2.82 33.17 -9.07
N GLU B 107 3.22 31.92 -9.27
CA GLU B 107 2.69 31.04 -10.31
C GLU B 107 2.75 31.65 -11.71
N PRO B 108 3.98 31.88 -12.20
CA PRO B 108 4.14 32.41 -13.57
C PRO B 108 3.79 31.34 -14.61
N LEU B 109 3.94 31.67 -15.88
CA LEU B 109 3.71 30.72 -16.96
C LEU B 109 4.44 29.40 -16.70
N LEU B 110 3.74 28.29 -16.95
CA LEU B 110 4.34 26.96 -16.89
C LEU B 110 4.64 26.48 -15.46
N THR B 111 3.99 27.10 -14.49
CA THR B 111 3.99 26.55 -13.12
C THR B 111 3.08 25.32 -13.07
N ASN B 112 3.59 24.22 -12.52
CA ASN B 112 2.74 23.06 -12.27
C ASN B 112 2.03 23.28 -10.94
N ILE B 113 0.89 23.96 -11.00
CA ILE B 113 0.17 24.42 -9.79
C ILE B 113 -0.38 23.21 -9.02
N GLU B 114 -0.12 23.17 -7.71
CA GLU B 114 -0.49 22.03 -6.87
CA GLU B 114 -0.55 22.04 -6.90
C GLU B 114 -0.07 20.74 -7.55
N ALA B 115 1.20 20.70 -7.97
CA ALA B 115 1.73 19.60 -8.74
C ALA B 115 1.45 18.22 -8.18
N ILE B 116 1.57 18.06 -6.86
CA ILE B 116 1.46 16.74 -6.26
C ILE B 116 0.08 16.13 -6.43
N ASN B 117 -0.91 16.96 -6.69
CA ASN B 117 -2.28 16.46 -6.80
C ASN B 117 -2.70 16.11 -8.23
N MET B 118 -1.95 16.62 -9.21
CA MET B 118 -2.33 16.36 -10.59
C MET B 118 -2.32 14.87 -10.97
N PRO B 119 -1.25 14.13 -10.64
CA PRO B 119 -1.24 12.74 -11.09
C PRO B 119 -2.07 11.79 -10.23
N LYS B 120 -2.59 12.25 -9.09
CA LYS B 120 -3.48 11.40 -8.29
C LYS B 120 -4.75 11.15 -9.10
N PRO B 121 -5.35 9.94 -8.98
CA PRO B 121 -4.97 8.85 -8.08
C PRO B 121 -4.11 7.77 -8.72
N TRP B 122 -3.24 8.15 -9.65
CA TRP B 122 -2.54 7.16 -10.46
C TRP B 122 -1.04 7.07 -10.21
N VAL B 123 -0.61 7.43 -9.01
CA VAL B 123 0.76 7.16 -8.58
C VAL B 123 0.79 6.63 -7.14
N LYS B 124 1.87 5.93 -6.79
CA LYS B 124 2.03 5.43 -5.42
C LYS B 124 2.46 6.54 -4.45
N TRP B 125 3.07 7.59 -5.01
CA TRP B 125 3.63 8.70 -4.24
C TRP B 125 3.84 9.86 -5.19
N SER B 126 3.56 11.07 -4.72
CA SER B 126 3.81 12.26 -5.52
CA SER B 126 3.70 12.29 -5.51
C SER B 126 4.36 13.32 -4.60
N TYR B 127 5.41 14.02 -5.06
CA TYR B 127 6.17 14.85 -4.15
C TYR B 127 6.92 15.97 -4.86
N GLU B 128 7.07 17.09 -4.16
CA GLU B 128 7.88 18.21 -4.61
C GLU B 128 8.82 18.55 -3.46
N PRO B 129 10.12 18.24 -3.61
CA PRO B 129 11.07 18.33 -2.49
C PRO B 129 11.04 19.71 -1.81
N ALA B 130 11.17 19.72 -0.49
CA ALA B 130 11.08 20.96 0.30
C ALA B 130 12.31 21.85 0.18
N ARG B 131 13.39 21.34 -0.39
CA ARG B 131 14.59 22.14 -0.63
C ARG B 131 15.49 21.42 -1.63
N PRO B 132 16.42 22.16 -2.27
CA PRO B 132 17.32 21.52 -3.23
C PRO B 132 18.12 20.39 -2.58
N GLU B 133 18.50 20.57 -1.32
CA GLU B 133 19.30 19.56 -0.62
C GLU B 133 18.63 18.18 -0.56
N ASP B 134 17.31 18.16 -0.72
CA ASP B 134 16.53 16.93 -0.56
C ASP B 134 16.31 16.19 -1.88
N VAL B 135 16.77 16.77 -3.00
CA VAL B 135 16.51 16.17 -4.31
C VAL B 135 17.07 14.75 -4.45
N PRO B 136 18.36 14.54 -4.12
CA PRO B 136 18.88 13.17 -4.21
C PRO B 136 18.11 12.20 -3.33
N GLY B 137 17.85 12.60 -2.09
CA GLY B 137 17.06 11.78 -1.18
C GLY B 137 15.66 11.49 -1.70
N ALA B 138 15.07 12.45 -2.40
CA ALA B 138 13.74 12.25 -2.98
C ALA B 138 13.80 11.24 -4.12
N PHE B 139 14.86 11.24 -4.91
CA PHE B 139 15.01 10.20 -5.92
C PHE B 139 15.14 8.81 -5.30
N MET B 140 15.87 8.69 -4.18
CA MET B 140 15.98 7.40 -3.51
C MET B 140 14.62 6.95 -2.98
N ARG B 141 13.90 7.87 -2.35
CA ARG B 141 12.56 7.55 -1.85
C ARG B 141 11.62 7.17 -3.01
N ALA B 142 11.74 7.85 -4.14
CA ALA B 142 10.93 7.53 -5.33
C ALA B 142 11.22 6.11 -5.79
N TYR B 143 12.50 5.78 -5.94
CA TYR B 143 12.92 4.42 -6.31
C TYR B 143 12.39 3.37 -5.32
N ALA B 144 12.59 3.62 -4.03
CA ALA B 144 12.16 2.70 -2.98
C ALA B 144 10.66 2.46 -3.04
N THR B 145 9.90 3.53 -3.23
CA THR B 145 8.44 3.46 -3.28
C THR B 145 7.99 2.65 -4.48
N ALA B 146 8.55 2.97 -5.66
CA ALA B 146 8.15 2.33 -6.92
C ALA B 146 8.46 0.84 -6.93
N MET B 147 9.59 0.45 -6.32
CA MET B 147 10.11 -0.91 -6.44
C MET B 147 9.60 -1.92 -5.41
N GLN B 148 9.03 -1.42 -4.31
CA GLN B 148 8.43 -2.34 -3.36
C GLN B 148 7.08 -2.83 -3.88
N GLN B 149 6.77 -4.09 -3.62
CA GLN B 149 5.54 -4.70 -4.09
C GLN B 149 4.33 -4.10 -3.38
N PRO B 150 3.20 -3.87 -4.10
CA PRO B 150 3.01 -4.01 -5.54
C PRO B 150 3.65 -2.84 -6.25
N GLN B 151 4.53 -3.11 -7.19
CA GLN B 151 5.28 -2.06 -7.88
C GLN B 151 4.38 -1.09 -8.63
N GLY B 152 4.87 0.12 -8.85
CA GLY B 152 4.10 1.10 -9.58
C GLY B 152 4.79 2.43 -9.68
N PRO B 153 4.20 3.34 -10.47
CA PRO B 153 4.86 4.61 -10.78
C PRO B 153 4.75 5.62 -9.64
N VAL B 154 5.72 6.51 -9.59
CA VAL B 154 5.76 7.61 -8.63
C VAL B 154 6.07 8.91 -9.39
N PHE B 155 5.80 10.05 -8.77
CA PHE B 155 5.97 11.35 -9.42
C PHE B 155 6.75 12.33 -8.55
N LEU B 156 7.76 12.97 -9.15
CA LEU B 156 8.55 14.04 -8.53
C LEU B 156 8.42 15.30 -9.37
N SER B 157 8.07 16.40 -8.73
CA SER B 157 8.03 17.74 -9.34
C SER B 157 9.30 18.46 -8.90
N LEU B 158 10.11 18.91 -9.86
CA LEU B 158 11.47 19.35 -9.58
C LEU B 158 11.77 20.77 -10.07
N PRO B 159 11.71 21.77 -9.16
CA PRO B 159 11.99 23.16 -9.55
C PRO B 159 13.32 23.29 -10.26
N LEU B 160 13.31 24.02 -11.37
CA LEU B 160 14.47 24.06 -12.26
C LEU B 160 15.74 24.64 -11.61
N ASP B 161 15.57 25.51 -10.61
CA ASP B 161 16.72 26.15 -9.98
C ASP B 161 17.48 25.26 -8.99
N ASP B 162 16.90 24.12 -8.61
CA ASP B 162 17.56 23.23 -7.66
C ASP B 162 18.86 22.61 -8.18
N TRP B 163 18.90 22.31 -9.48
CA TRP B 163 19.94 21.45 -10.04
C TRP B 163 21.35 22.05 -9.93
N GLU B 164 21.45 23.37 -10.00
CA GLU B 164 22.74 24.06 -9.97
C GLU B 164 23.23 24.38 -8.56
N LYS B 165 22.40 24.13 -7.55
CA LYS B 165 22.78 24.43 -6.18
C LYS B 165 23.94 23.57 -5.71
N LEU B 166 24.95 24.22 -5.13
CA LEU B 166 26.10 23.51 -4.57
C LEU B 166 25.73 23.01 -3.18
N ILE B 167 25.85 21.70 -2.99
CA ILE B 167 25.57 21.11 -1.70
C ILE B 167 26.67 20.10 -1.36
N PRO B 168 26.89 19.86 -0.07
CA PRO B 168 27.84 18.82 0.34
C PRO B 168 27.31 17.44 -0.03
N GLU B 169 28.22 16.52 -0.36
CA GLU B 169 27.84 15.15 -0.68
CA GLU B 169 27.84 15.15 -0.68
C GLU B 169 26.99 14.52 0.42
N VAL B 170 25.87 13.94 0.04
CA VAL B 170 25.03 13.15 0.94
C VAL B 170 25.06 11.72 0.46
N ASP B 171 24.98 10.76 1.37
CA ASP B 171 24.97 9.35 0.98
C ASP B 171 23.57 8.76 1.15
N VAL B 172 22.70 9.01 0.18
CA VAL B 172 21.31 8.61 0.34
C VAL B 172 20.99 7.22 -0.19
N ALA B 173 21.93 6.59 -0.89
CA ALA B 173 21.63 5.28 -1.49
C ALA B 173 21.21 4.20 -0.49
N ARG B 174 20.12 3.51 -0.79
CA ARG B 174 19.62 2.41 0.04
C ARG B 174 19.18 1.28 -0.87
N THR B 175 18.90 0.11 -0.28
CA THR B 175 18.23 -0.94 -1.04
C THR B 175 16.94 -1.37 -0.33
N VAL B 176 16.02 -1.94 -1.10
CA VAL B 176 14.72 -2.39 -0.61
C VAL B 176 14.38 -3.78 -1.15
N SER B 177 13.38 -4.41 -0.56
CA SER B 177 12.84 -5.67 -1.10
C SER B 177 11.83 -5.35 -2.18
N THR B 178 11.71 -6.25 -3.14
CA THR B 178 10.77 -6.05 -4.25
C THR B 178 9.68 -7.09 -4.27
N ARG B 179 9.68 -7.98 -3.28
CA ARG B 179 8.64 -9.00 -3.15
C ARG B 179 8.28 -9.21 -1.68
N GLN B 180 7.03 -9.62 -1.43
CA GLN B 180 6.65 -10.16 -0.13
C GLN B 180 5.99 -11.53 -0.31
N GLY B 181 6.19 -12.39 0.69
CA GLY B 181 5.69 -13.74 0.62
C GLY B 181 4.37 -13.88 1.36
N PRO B 182 3.77 -15.08 1.31
CA PRO B 182 2.45 -15.31 1.87
C PRO B 182 2.51 -15.64 3.37
N ASP B 183 1.46 -15.33 4.10
CA ASP B 183 1.29 -15.82 5.46
C ASP B 183 1.26 -17.35 5.39
N PRO B 184 2.22 -18.01 6.04
CA PRO B 184 2.32 -19.48 5.96
C PRO B 184 1.06 -20.18 6.48
N ASP B 185 0.35 -19.58 7.43
CA ASP B 185 -0.94 -20.13 7.88
C ASP B 185 -1.95 -20.13 6.74
N LYS B 186 -1.91 -19.11 5.89
CA LYS B 186 -2.83 -19.03 4.77
C LYS B 186 -2.46 -20.03 3.69
N VAL B 187 -1.17 -20.25 3.48
CA VAL B 187 -0.76 -21.24 2.48
C VAL B 187 -1.30 -22.60 2.89
N LYS B 188 -1.12 -22.95 4.16
CA LYS B 188 -1.61 -24.21 4.69
C LYS B 188 -3.14 -24.32 4.54
N GLU B 189 -3.85 -23.25 4.89
CA GLU B 189 -5.29 -23.19 4.73
C GLU B 189 -5.72 -23.41 3.27
N PHE B 190 -5.06 -22.70 2.36
CA PHE B 190 -5.40 -22.80 0.96
C PHE B 190 -5.07 -24.19 0.42
N ALA B 191 -3.93 -24.73 0.82
CA ALA B 191 -3.52 -26.07 0.40
C ALA B 191 -4.49 -27.15 0.90
N GLN B 192 -4.95 -27.02 2.14
CA GLN B 192 -5.95 -27.94 2.68
C GLN B 192 -7.22 -27.95 1.84
N ARG B 193 -7.68 -26.76 1.46
CA ARG B 193 -8.86 -26.61 0.61
C ARG B 193 -8.65 -27.27 -0.75
N ILE B 194 -7.47 -27.05 -1.33
CA ILE B 194 -7.16 -27.61 -2.65
C ILE B 194 -7.09 -29.13 -2.60
N THR B 195 -6.45 -29.65 -1.56
CA THR B 195 -6.28 -31.09 -1.37
C THR B 195 -7.63 -31.78 -1.22
N ALA B 196 -8.55 -31.10 -0.55
CA ALA B 196 -9.86 -31.67 -0.26
C ALA B 196 -10.83 -31.57 -1.43
N SER B 197 -10.54 -30.71 -2.40
CA SER B 197 -11.45 -30.48 -3.51
C SER B 197 -11.49 -31.65 -4.47
N LYS B 198 -12.62 -31.81 -5.15
CA LYS B 198 -12.79 -32.92 -6.07
C LYS B 198 -12.38 -32.55 -7.49
N ASN B 199 -12.71 -31.33 -7.90
CA ASN B 199 -12.45 -30.90 -9.26
C ASN B 199 -12.05 -29.44 -9.33
N PRO B 200 -10.84 -29.12 -8.86
CA PRO B 200 -10.37 -27.74 -8.85
C PRO B 200 -10.15 -27.19 -10.25
N LEU B 201 -10.35 -25.89 -10.41
CA LEU B 201 -10.07 -25.21 -11.67
C LEU B 201 -9.14 -24.03 -11.37
N LEU B 202 -8.11 -23.85 -12.19
CA LEU B 202 -7.13 -22.78 -12.00
C LEU B 202 -7.37 -21.62 -12.95
N ILE B 203 -7.29 -20.41 -12.43
CA ILE B 203 -7.33 -19.21 -13.25
C ILE B 203 -6.08 -18.44 -12.94
N TYR B 204 -5.23 -18.25 -13.96
CA TYR B 204 -3.96 -17.56 -13.77
C TYR B 204 -3.99 -16.16 -14.36
N GLY B 205 -3.38 -15.21 -13.65
CA GLY B 205 -3.28 -13.86 -14.15
C GLY B 205 -1.83 -13.43 -14.30
N SER B 206 -1.64 -12.17 -14.67
CA SER B 206 -0.33 -11.70 -15.12
C SER B 206 0.72 -11.40 -14.04
N ASP B 207 0.35 -11.48 -12.76
CA ASP B 207 1.35 -11.41 -11.70
C ASP B 207 2.39 -12.51 -11.94
N ILE B 208 1.92 -13.62 -12.49
CA ILE B 208 2.81 -14.75 -12.78
C ILE B 208 3.87 -14.37 -13.81
N ALA B 209 3.50 -13.52 -14.76
CA ALA B 209 4.46 -13.05 -15.76
C ALA B 209 5.48 -12.12 -15.12
N ARG B 210 5.00 -11.10 -14.42
CA ARG B 210 5.91 -10.14 -13.81
C ARG B 210 6.87 -10.80 -12.84
N SER B 211 6.37 -11.70 -12.01
CA SER B 211 7.18 -12.34 -10.97
CA SER B 211 7.20 -12.32 -10.98
C SER B 211 8.02 -13.50 -11.49
N GLN B 212 8.00 -13.73 -12.80
CA GLN B 212 8.81 -14.80 -13.40
C GLN B 212 8.46 -16.18 -12.82
N ALA B 213 7.17 -16.44 -12.68
CA ALA B 213 6.72 -17.68 -12.05
C ALA B 213 6.19 -18.69 -13.08
N TRP B 214 6.55 -18.48 -14.34
CA TRP B 214 6.10 -19.31 -15.45
C TRP B 214 6.23 -20.81 -15.16
N SER B 215 7.44 -21.25 -14.83
CA SER B 215 7.67 -22.67 -14.58
CA SER B 215 7.68 -22.67 -14.57
C SER B 215 6.99 -23.15 -13.30
N ASP B 216 6.91 -22.29 -12.29
CA ASP B 216 6.25 -22.68 -11.05
C ASP B 216 4.75 -22.84 -11.25
N GLY B 217 4.17 -22.05 -12.15
CA GLY B 217 2.76 -22.13 -12.46
C GLY B 217 2.46 -23.43 -13.20
N ILE B 218 3.38 -23.82 -14.07
CA ILE B 218 3.24 -25.08 -14.79
C ILE B 218 3.32 -26.25 -13.81
N ALA B 219 4.29 -26.21 -12.91
CA ALA B 219 4.47 -27.27 -11.93
C ALA B 219 3.23 -27.44 -11.06
N PHE B 220 2.63 -26.33 -10.66
CA PHE B 220 1.45 -26.34 -9.80
C PHE B 220 0.26 -26.97 -10.53
N ALA B 221 0.03 -26.53 -11.77
CA ALA B 221 -1.07 -27.04 -12.58
C ALA B 221 -0.90 -28.53 -12.88
N GLU B 222 0.32 -28.93 -13.20
CA GLU B 222 0.62 -30.33 -13.48
C GLU B 222 0.49 -31.21 -12.22
N ARG B 223 0.76 -30.63 -11.06
CA ARG B 223 0.62 -31.34 -9.79
C ARG B 223 -0.85 -31.70 -9.57
N LEU B 224 -1.73 -30.78 -9.97
CA LEU B 224 -3.16 -30.95 -9.74
C LEU B 224 -3.86 -31.61 -10.92
N ASN B 225 -3.22 -31.59 -12.09
CA ASN B 225 -3.87 -32.04 -13.30
C ASN B 225 -5.22 -31.36 -13.47
N ALA B 226 -5.26 -30.06 -13.17
CA ALA B 226 -6.48 -29.28 -13.28
C ALA B 226 -6.46 -28.41 -14.53
N PRO B 227 -7.64 -28.08 -15.07
CA PRO B 227 -7.72 -27.15 -16.20
C PRO B 227 -7.21 -25.79 -15.81
N VAL B 228 -6.53 -25.11 -16.73
CA VAL B 228 -6.03 -23.76 -16.48
C VAL B 228 -6.67 -22.81 -17.48
N TRP B 229 -7.22 -21.71 -16.97
CA TRP B 229 -7.71 -20.63 -17.82
C TRP B 229 -6.89 -19.40 -17.52
N ALA B 230 -6.74 -18.53 -18.52
CA ALA B 230 -6.18 -17.20 -18.29
C ALA B 230 -7.31 -16.30 -17.80
N ALA B 231 -7.03 -15.50 -16.77
CA ALA B 231 -7.99 -14.52 -16.29
C ALA B 231 -8.44 -13.61 -17.43
N PRO B 232 -9.65 -13.06 -17.33
CA PRO B 232 -10.09 -12.15 -18.38
C PRO B 232 -9.18 -10.94 -18.49
N PHE B 233 -8.90 -10.50 -19.71
CA PHE B 233 -8.04 -9.34 -19.93
C PHE B 233 -6.67 -9.46 -19.24
N ALA B 234 -6.07 -10.65 -19.34
CA ALA B 234 -4.73 -10.87 -18.82
C ALA B 234 -3.73 -10.19 -19.76
N GLU B 235 -3.01 -9.20 -19.25
CA GLU B 235 -2.17 -8.34 -20.08
C GLU B 235 -0.94 -9.05 -20.60
N ARG B 236 -0.52 -10.09 -19.88
CA ARG B 236 0.70 -10.83 -20.24
C ARG B 236 0.47 -12.30 -19.97
N THR B 237 0.85 -13.14 -20.93
CA THR B 237 0.59 -14.57 -20.85
C THR B 237 1.06 -15.21 -19.54
N PRO B 238 0.15 -15.85 -18.80
CA PRO B 238 0.54 -16.48 -17.53
C PRO B 238 0.80 -17.99 -17.61
N PHE B 239 0.49 -18.63 -18.74
CA PHE B 239 0.58 -20.09 -18.83
C PHE B 239 0.76 -20.47 -20.30
N PRO B 240 1.57 -21.51 -20.57
CA PRO B 240 1.76 -21.93 -21.97
C PRO B 240 0.45 -22.34 -22.63
N GLU B 241 0.11 -21.66 -23.72
CA GLU B 241 -1.23 -21.78 -24.30
C GLU B 241 -1.42 -23.00 -25.20
N ASP B 242 -0.34 -23.76 -25.39
CA ASP B 242 -0.43 -25.03 -26.11
CA ASP B 242 -0.43 -25.03 -26.11
C ASP B 242 -0.34 -26.22 -25.16
N HIS B 243 -0.18 -25.94 -23.86
CA HIS B 243 -0.10 -26.99 -22.86
C HIS B 243 -1.44 -27.70 -22.82
N PRO B 244 -1.43 -29.04 -22.66
CA PRO B 244 -2.69 -29.80 -22.66
C PRO B 244 -3.70 -29.33 -21.61
N LEU B 245 -3.25 -28.79 -20.49
CA LEU B 245 -4.19 -28.35 -19.46
C LEU B 245 -4.83 -26.99 -19.76
N PHE B 246 -4.25 -26.24 -20.69
CA PHE B 246 -4.76 -24.89 -20.97
C PHE B 246 -6.06 -24.92 -21.75
N GLN B 247 -7.07 -24.22 -21.23
CA GLN B 247 -8.40 -24.19 -21.84
C GLN B 247 -8.64 -22.96 -22.71
N GLY B 248 -8.01 -21.85 -22.36
CA GLY B 248 -8.20 -20.62 -23.11
C GLY B 248 -8.31 -19.44 -22.18
N ALA B 249 -8.69 -18.29 -22.73
CA ALA B 249 -8.88 -17.07 -21.94
C ALA B 249 -10.35 -16.92 -21.58
N LEU B 250 -10.63 -16.62 -20.33
CA LEU B 250 -12.02 -16.44 -19.89
C LEU B 250 -12.65 -15.19 -20.51
N THR B 251 -13.94 -15.28 -20.82
CA THR B 251 -14.70 -14.10 -21.23
C THR B 251 -14.87 -13.18 -20.03
N SER B 252 -15.39 -11.97 -20.26
CA SER B 252 -15.30 -10.92 -19.24
C SER B 252 -16.63 -10.39 -18.69
N GLY B 253 -17.71 -11.15 -18.84
CA GLY B 253 -18.96 -10.81 -18.20
C GLY B 253 -19.16 -11.70 -17.00
N ILE B 254 -19.90 -11.23 -16.00
CA ILE B 254 -20.12 -12.05 -14.82
C ILE B 254 -20.76 -13.39 -15.21
N GLY B 255 -21.88 -13.32 -15.92
CA GLY B 255 -22.59 -14.55 -16.29
C GLY B 255 -21.82 -15.42 -17.27
N SER B 256 -21.07 -14.81 -18.16
CA SER B 256 -20.38 -15.56 -19.21
C SER B 256 -19.16 -16.31 -18.65
N LEU B 257 -18.40 -15.63 -17.79
CA LEU B 257 -17.28 -16.29 -17.12
C LEU B 257 -17.80 -17.43 -16.25
N GLU B 258 -18.87 -17.18 -15.52
CA GLU B 258 -19.44 -18.19 -14.63
C GLU B 258 -19.81 -19.46 -15.40
N LYS B 259 -20.44 -19.30 -16.55
CA LYS B 259 -20.81 -20.43 -17.40
C LYS B 259 -19.55 -21.22 -17.80
N GLN B 260 -18.46 -20.53 -18.08
CA GLN B 260 -17.23 -21.18 -18.54
C GLN B 260 -16.55 -22.05 -17.49
N ILE B 261 -16.74 -21.75 -16.21
CA ILE B 261 -16.04 -22.48 -15.16
C ILE B 261 -16.93 -23.46 -14.39
N GLN B 262 -18.17 -23.64 -14.85
CA GLN B 262 -19.08 -24.60 -14.24
C GLN B 262 -18.51 -26.01 -14.21
N GLY B 263 -18.93 -26.79 -13.22
CA GLY B 263 -18.50 -28.18 -13.08
C GLY B 263 -17.31 -28.38 -12.16
N HIS B 264 -16.86 -27.29 -11.52
CA HIS B 264 -15.71 -27.34 -10.62
C HIS B 264 -16.08 -26.77 -9.25
N ASP B 265 -15.66 -27.46 -8.20
CA ASP B 265 -16.08 -27.10 -6.86
C ASP B 265 -15.17 -26.05 -6.22
N LEU B 266 -13.91 -26.00 -6.65
CA LEU B 266 -12.97 -25.02 -6.10
C LEU B 266 -12.34 -24.22 -7.23
N ILE B 267 -12.48 -22.90 -7.16
CA ILE B 267 -11.90 -22.03 -8.17
C ILE B 267 -10.68 -21.36 -7.56
N VAL B 268 -9.51 -21.60 -8.14
CA VAL B 268 -8.26 -21.13 -7.56
C VAL B 268 -7.64 -20.09 -8.47
N VAL B 269 -7.67 -18.84 -8.05
CA VAL B 269 -7.21 -17.74 -8.88
C VAL B 269 -5.84 -17.29 -8.41
N ILE B 270 -4.84 -17.37 -9.27
CA ILE B 270 -3.49 -16.99 -8.87
C ILE B 270 -2.97 -15.83 -9.70
N GLY B 271 -2.71 -14.71 -9.05
CA GLY B 271 -2.05 -13.60 -9.70
C GLY B 271 -2.96 -12.72 -10.55
N ALA B 272 -4.24 -12.64 -10.17
CA ALA B 272 -5.19 -11.86 -10.93
C ALA B 272 -6.24 -11.19 -10.05
N PRO B 273 -6.84 -10.11 -10.54
CA PRO B 273 -8.05 -9.58 -9.90
C PRO B 273 -9.15 -10.62 -9.98
N VAL B 274 -10.17 -10.47 -9.14
CA VAL B 274 -11.34 -11.32 -9.17
C VAL B 274 -12.57 -10.43 -9.23
N PHE B 275 -13.05 -10.12 -10.44
CA PHE B 275 -12.40 -10.42 -11.72
C PHE B 275 -12.38 -9.13 -12.54
N ARG B 276 -11.50 -9.10 -13.56
CA ARG B 276 -11.41 -7.96 -14.46
C ARG B 276 -12.54 -8.01 -15.51
N TYR B 277 -13.76 -7.76 -15.05
CA TYR B 277 -14.93 -7.79 -15.92
C TYR B 277 -14.96 -6.57 -16.83
N TYR B 278 -15.73 -6.66 -17.91
CA TYR B 278 -15.86 -5.55 -18.83
C TYR B 278 -17.33 -5.28 -19.14
N PRO B 279 -17.95 -6.09 -20.02
CA PRO B 279 -19.37 -5.82 -20.27
C PRO B 279 -20.22 -6.29 -19.10
N TRP B 280 -21.43 -5.73 -19.00
CA TRP B 280 -22.36 -6.14 -17.98
C TRP B 280 -23.19 -7.34 -18.44
N ILE B 281 -23.00 -8.48 -17.80
CA ILE B 281 -23.75 -9.68 -18.10
C ILE B 281 -24.23 -10.32 -16.80
N ALA B 282 -25.52 -10.17 -16.52
CA ALA B 282 -26.08 -10.64 -15.26
C ALA B 282 -25.74 -12.11 -15.00
N GLY B 283 -25.53 -12.46 -13.73
CA GLY B 283 -25.25 -13.82 -13.34
C GLY B 283 -24.64 -13.91 -11.94
N GLN B 284 -24.18 -15.10 -11.57
CA GLN B 284 -23.50 -15.29 -10.30
C GLN B 284 -22.00 -15.24 -10.58
N PHE B 285 -21.21 -14.83 -9.59
CA PHE B 285 -19.78 -14.70 -9.81
C PHE B 285 -19.12 -16.05 -10.07
N ILE B 286 -19.47 -17.04 -9.27
CA ILE B 286 -18.95 -18.40 -9.44
C ILE B 286 -20.12 -19.40 -9.37
N PRO B 287 -19.89 -20.62 -9.88
CA PRO B 287 -20.99 -21.60 -9.95
C PRO B 287 -21.61 -21.87 -8.59
N GLU B 288 -22.90 -22.20 -8.59
CA GLU B 288 -23.57 -22.57 -7.35
C GLU B 288 -22.83 -23.78 -6.77
N GLY B 289 -22.55 -23.76 -5.48
CA GLY B 289 -21.87 -24.87 -4.85
C GLY B 289 -20.35 -24.79 -4.85
N SER B 290 -19.78 -23.84 -5.60
CA SER B 290 -18.33 -23.70 -5.60
CA SER B 290 -18.32 -23.67 -5.64
C SER B 290 -17.87 -22.64 -4.62
N THR B 291 -16.56 -22.63 -4.34
CA THR B 291 -15.95 -21.58 -3.54
C THR B 291 -14.69 -21.16 -4.27
N LEU B 292 -14.12 -20.03 -3.88
CA LEU B 292 -12.98 -19.48 -4.60
C LEU B 292 -11.86 -19.04 -3.67
N LEU B 293 -10.63 -19.27 -4.12
CA LEU B 293 -9.43 -18.77 -3.45
C LEU B 293 -8.73 -17.77 -4.38
N GLN B 294 -8.18 -16.70 -3.82
CA GLN B 294 -7.46 -15.71 -4.62
C GLN B 294 -6.09 -15.40 -4.03
N VAL B 295 -5.09 -15.33 -4.89
CA VAL B 295 -3.76 -14.84 -4.54
C VAL B 295 -3.45 -13.66 -5.45
N SER B 296 -3.07 -12.52 -4.86
CA SER B 296 -2.60 -11.37 -5.62
C SER B 296 -1.45 -10.72 -4.87
N ASP B 297 -0.52 -10.09 -5.58
CA ASP B 297 0.56 -9.37 -4.86
C ASP B 297 0.13 -7.97 -4.45
N ASP B 298 -1.09 -7.60 -4.80
CA ASP B 298 -1.60 -6.24 -4.62
C ASP B 298 -2.78 -6.23 -3.65
N PRO B 299 -2.57 -5.72 -2.42
CA PRO B 299 -3.66 -5.69 -1.43
C PRO B 299 -4.91 -4.99 -1.96
N ASN B 300 -4.76 -4.07 -2.90
CA ASN B 300 -5.92 -3.40 -3.49
C ASN B 300 -6.83 -4.40 -4.21
N MET B 301 -6.23 -5.35 -4.91
CA MET B 301 -7.01 -6.34 -5.67
C MET B 301 -7.78 -7.29 -4.77
N THR B 302 -7.14 -7.78 -3.72
CA THR B 302 -7.83 -8.67 -2.80
C THR B 302 -8.87 -7.89 -2.01
N SER B 303 -8.62 -6.60 -1.77
CA SER B 303 -9.55 -5.81 -0.95
C SER B 303 -10.91 -5.63 -1.64
N LYS B 304 -10.93 -5.70 -2.97
CA LYS B 304 -12.13 -5.38 -3.75
C LYS B 304 -12.68 -6.56 -4.58
N ALA B 305 -12.15 -7.76 -4.34
CA ALA B 305 -12.64 -8.97 -5.03
C ALA B 305 -14.15 -9.15 -4.84
N VAL B 306 -14.81 -9.72 -5.84
CA VAL B 306 -16.27 -9.91 -5.76
C VAL B 306 -16.65 -11.08 -4.86
N VAL B 307 -15.74 -12.02 -4.68
CA VAL B 307 -16.02 -13.23 -3.91
C VAL B 307 -14.70 -13.84 -3.47
N GLY B 308 -14.74 -14.70 -2.46
CA GLY B 308 -13.61 -15.56 -2.17
C GLY B 308 -12.85 -15.33 -0.88
N ASP B 309 -11.96 -16.28 -0.59
CA ASP B 309 -10.97 -16.14 0.46
C ASP B 309 -9.65 -15.82 -0.18
N SER B 310 -9.02 -14.74 0.27
CA SER B 310 -7.81 -14.26 -0.39
C SER B 310 -6.60 -14.24 0.51
N LEU B 311 -5.42 -14.18 -0.11
CA LEU B 311 -4.20 -13.81 0.61
C LEU B 311 -3.34 -12.96 -0.32
N VAL B 312 -2.49 -12.15 0.28
CA VAL B 312 -1.60 -11.28 -0.48
C VAL B 312 -0.21 -11.88 -0.54
N SER B 313 0.31 -12.04 -1.75
CA SER B 313 1.62 -12.67 -1.93
C SER B 313 2.12 -12.48 -3.33
N ASP B 314 3.44 -12.39 -3.46
CA ASP B 314 4.08 -12.54 -4.75
C ASP B 314 3.62 -13.88 -5.33
N SER B 315 3.31 -13.92 -6.62
CA SER B 315 2.81 -15.16 -7.24
C SER B 315 3.84 -16.29 -7.17
N LYS B 316 5.11 -15.98 -7.44
CA LYS B 316 6.15 -17.01 -7.44
C LYS B 316 6.36 -17.60 -6.05
N LEU B 317 6.43 -16.73 -5.03
CA LEU B 317 6.63 -17.21 -3.68
C LEU B 317 5.44 -18.07 -3.22
N PHE B 318 4.23 -17.67 -3.58
CA PHE B 318 3.08 -18.49 -3.24
C PHE B 318 3.14 -19.87 -3.90
N LEU B 319 3.39 -19.87 -5.21
CA LEU B 319 3.39 -21.11 -5.98
C LEU B 319 4.45 -22.08 -5.46
N ILE B 320 5.59 -21.53 -5.06
CA ILE B 320 6.66 -22.35 -4.50
C ILE B 320 6.23 -22.97 -3.17
N GLU B 321 5.65 -22.16 -2.28
CA GLU B 321 5.21 -22.64 -0.98
C GLU B 321 4.04 -23.62 -1.08
N ALA B 322 3.10 -23.33 -1.96
CA ALA B 322 1.91 -24.16 -2.10
C ALA B 322 2.30 -25.54 -2.64
N LEU B 323 3.26 -25.56 -3.56
CA LEU B 323 3.70 -26.82 -4.19
C LEU B 323 4.17 -27.83 -3.14
N LYS B 324 4.82 -27.35 -2.09
CA LYS B 324 5.32 -28.20 -1.01
C LYS B 324 4.22 -28.92 -0.24
N LEU B 325 2.98 -28.44 -0.36
CA LEU B 325 1.89 -28.95 0.46
C LEU B 325 0.82 -29.72 -0.31
N ILE B 326 0.95 -29.77 -1.63
CA ILE B 326 -0.04 -30.44 -2.45
C ILE B 326 0.52 -31.72 -3.07
N ASP B 327 -0.24 -32.81 -2.95
CA ASP B 327 0.19 -34.11 -3.48
C ASP B 327 -0.26 -34.29 -4.92
N GLN B 328 0.52 -35.06 -5.68
CA GLN B 328 0.22 -35.32 -7.08
C GLN B 328 -1.17 -35.94 -7.24
N ARG B 329 -1.93 -35.48 -8.23
CA ARG B 329 -3.22 -36.07 -8.57
C ARG B 329 -3.12 -36.82 -9.89
N GLU B 330 -3.89 -37.89 -10.02
CA GLU B 330 -3.87 -38.69 -11.24
C GLU B 330 -4.61 -37.99 -12.38
N LYS B 331 -4.30 -38.40 -13.61
CA LYS B 331 -4.95 -37.84 -14.79
C LYS B 331 -6.47 -37.92 -14.65
N ASN B 332 -7.17 -36.89 -15.08
CA ASN B 332 -8.63 -36.83 -14.89
C ASN B 332 -9.38 -36.39 -16.14
N ASN B 333 -8.92 -36.81 -17.30
CA ASN B 333 -9.52 -36.42 -18.57
C ASN B 333 -9.97 -34.96 -18.64
N THR B 334 -9.07 -34.08 -18.21
CA THR B 334 -9.22 -32.65 -18.47
C THR B 334 -9.16 -32.47 -19.98
N PRO B 335 -10.20 -31.82 -20.56
CA PRO B 335 -10.26 -31.66 -22.02
C PRO B 335 -9.05 -30.92 -22.60
N GLN B 336 -8.83 -31.10 -23.90
CA GLN B 336 -7.78 -30.38 -24.61
C GLN B 336 -8.46 -29.38 -25.54
N ARG B 337 -7.92 -28.17 -25.63
CA ARG B 337 -8.56 -27.16 -26.48
C ARG B 337 -8.53 -27.54 -27.96
N SER B 338 -9.48 -27.00 -28.72
CA SER B 338 -9.57 -27.31 -30.15
C SER B 338 -8.35 -26.81 -30.90
N PRO B 339 -7.97 -27.50 -31.98
CA PRO B 339 -6.89 -27.04 -32.87
C PRO B 339 -7.28 -25.73 -33.52
N MET B 340 -6.30 -24.93 -33.91
CA MET B 340 -6.56 -23.67 -34.61
C MET B 340 -7.40 -23.91 -35.85
N THR B 341 -8.43 -23.09 -36.04
CA THR B 341 -9.26 -23.19 -37.25
C THR B 341 -8.56 -22.56 -38.45
N LYS B 342 -9.06 -22.83 -39.64
CA LYS B 342 -8.49 -22.27 -40.86
C LYS B 342 -9.51 -21.41 -41.58
N GLU B 343 -9.22 -20.11 -41.69
CA GLU B 343 -10.13 -19.15 -42.31
C GLU B 343 -10.07 -19.20 -43.83
N ASP B 344 -11.14 -18.72 -44.47
CA ASP B 344 -11.20 -18.59 -45.93
C ASP B 344 -10.30 -17.47 -46.45
N ARG B 345 -9.16 -17.86 -47.03
CA ARG B 345 -8.19 -16.89 -47.55
C ARG B 345 -8.59 -16.28 -48.90
N THR B 346 -9.68 -16.78 -49.49
CA THR B 346 -10.14 -16.28 -50.78
C THR B 346 -11.18 -15.18 -50.61
N ALA B 347 -11.69 -15.00 -49.39
CA ALA B 347 -12.66 -13.95 -49.14
C ALA B 347 -12.06 -12.56 -49.30
N MET B 348 -12.80 -11.68 -49.97
CA MET B 348 -12.43 -10.27 -50.13
C MET B 348 -13.62 -9.37 -49.80
N PRO B 349 -13.41 -8.37 -48.94
CA PRO B 349 -12.15 -8.01 -48.29
C PRO B 349 -11.61 -9.09 -47.37
N LEU B 350 -10.31 -9.01 -47.10
CA LEU B 350 -9.61 -10.01 -46.30
C LEU B 350 -10.20 -10.17 -44.90
N ARG B 351 -10.22 -11.41 -44.42
CA ARG B 351 -10.72 -11.69 -43.09
C ARG B 351 -9.55 -11.74 -42.08
N PRO B 352 -9.71 -11.06 -40.93
CA PRO B 352 -8.60 -10.95 -39.97
C PRO B 352 -8.00 -12.29 -39.51
N HIS B 353 -8.80 -13.34 -39.36
CA HIS B 353 -8.23 -14.62 -38.88
C HIS B 353 -7.22 -15.13 -39.92
N ALA B 354 -7.53 -14.90 -41.21
CA ALA B 354 -6.63 -15.28 -42.30
C ALA B 354 -5.34 -14.49 -42.25
N VAL B 355 -5.48 -13.17 -42.07
CA VAL B 355 -4.32 -12.29 -41.89
C VAL B 355 -3.45 -12.76 -40.75
N LEU B 356 -4.05 -13.06 -39.60
CA LEU B 356 -3.30 -13.56 -38.44
C LEU B 356 -2.54 -14.86 -38.77
N GLU B 357 -3.22 -15.78 -39.46
CA GLU B 357 -2.61 -17.05 -39.85
C GLU B 357 -1.38 -16.85 -40.75
N VAL B 358 -1.47 -15.91 -41.69
CA VAL B 358 -0.34 -15.61 -42.56
C VAL B 358 0.83 -15.07 -41.74
N LEU B 359 0.56 -14.19 -40.78
CA LEU B 359 1.64 -13.69 -39.91
C LEU B 359 2.27 -14.84 -39.13
N LYS B 360 1.43 -15.65 -38.50
CA LYS B 360 1.91 -16.75 -37.66
C LYS B 360 2.80 -17.72 -38.43
N GLU B 361 2.35 -18.18 -39.59
CA GLU B 361 3.08 -19.21 -40.32
C GLU B 361 4.40 -18.70 -40.88
N ASN B 362 4.57 -17.38 -40.89
CA ASN B 362 5.81 -16.77 -41.37
C ASN B 362 6.67 -16.17 -40.26
N SER B 363 6.28 -16.40 -39.01
CA SER B 363 6.99 -15.85 -37.86
C SER B 363 8.05 -16.78 -37.34
N PRO B 364 9.23 -16.24 -37.01
CA PRO B 364 10.19 -17.06 -36.26
C PRO B 364 9.68 -17.31 -34.84
N LYS B 365 10.24 -18.31 -34.15
CA LYS B 365 9.81 -18.60 -32.79
C LYS B 365 10.14 -17.43 -31.88
N GLU B 366 11.26 -16.77 -32.16
CA GLU B 366 11.74 -15.69 -31.29
C GLU B 366 11.19 -14.33 -31.72
N ILE B 367 9.94 -14.05 -31.36
CA ILE B 367 9.41 -12.71 -31.52
C ILE B 367 8.81 -12.25 -30.19
N VAL B 368 8.60 -10.94 -30.08
CA VAL B 368 7.74 -10.38 -29.05
C VAL B 368 6.46 -9.99 -29.78
N LEU B 369 5.31 -10.32 -29.20
CA LEU B 369 4.02 -9.98 -29.81
C LEU B 369 3.30 -9.02 -28.91
N VAL B 370 2.90 -7.88 -29.49
CA VAL B 370 2.14 -6.86 -28.78
C VAL B 370 0.81 -6.68 -29.53
N GLU B 371 -0.27 -6.44 -28.80
CA GLU B 371 -1.57 -6.30 -29.44
C GLU B 371 -2.39 -5.14 -28.91
N GLU B 372 -2.95 -4.36 -29.83
CA GLU B 372 -3.96 -3.36 -29.50
C GLU B 372 -4.89 -3.25 -30.71
N CYS B 373 -5.68 -4.29 -30.91
CA CYS B 373 -6.64 -4.36 -32.01
C CYS B 373 -7.85 -5.09 -31.44
N PRO B 374 -8.69 -4.37 -30.69
CA PRO B 374 -9.70 -4.99 -29.82
C PRO B 374 -10.61 -6.02 -30.49
N SER B 375 -11.08 -5.76 -31.70
CA SER B 375 -12.08 -6.66 -32.28
C SER B 375 -11.52 -8.06 -32.60
N ILE B 376 -10.21 -8.15 -32.85
CA ILE B 376 -9.64 -9.42 -33.27
C ILE B 376 -9.04 -10.26 -32.16
N VAL B 377 -9.18 -9.82 -30.92
CA VAL B 377 -8.51 -10.52 -29.84
C VAL B 377 -8.79 -12.05 -29.78
N PRO B 378 -10.06 -12.46 -29.92
CA PRO B 378 -10.31 -13.91 -29.84
C PRO B 378 -9.68 -14.66 -31.01
N LEU B 379 -9.57 -13.99 -32.15
CA LEU B 379 -8.94 -14.60 -33.32
C LEU B 379 -7.44 -14.75 -33.08
N MET B 380 -6.84 -13.71 -32.52
CA MET B 380 -5.44 -13.75 -32.16
C MET B 380 -5.17 -14.88 -31.17
N GLN B 381 -6.07 -15.05 -30.20
CA GLN B 381 -5.91 -16.08 -29.18
C GLN B 381 -6.00 -17.47 -29.77
N ASP B 382 -6.73 -17.60 -30.87
CA ASP B 382 -6.82 -18.89 -31.57
C ASP B 382 -5.53 -19.18 -32.34
N VAL B 383 -4.95 -18.15 -32.93
CA VAL B 383 -3.83 -18.31 -33.86
C VAL B 383 -2.45 -18.26 -33.18
N PHE B 384 -2.21 -17.19 -32.43
CA PHE B 384 -0.96 -17.06 -31.68
C PHE B 384 -1.08 -17.65 -30.28
N ARG B 385 -0.75 -18.93 -30.15
CA ARG B 385 -0.83 -19.58 -28.85
C ARG B 385 0.53 -19.45 -28.18
N ILE B 386 0.63 -18.46 -27.29
CA ILE B 386 1.89 -18.10 -26.68
C ILE B 386 2.38 -19.18 -25.73
N ASN B 387 3.61 -19.67 -25.96
CA ASN B 387 4.14 -20.78 -25.16
C ASN B 387 5.51 -20.51 -24.53
N GLN B 388 5.91 -19.24 -24.49
CA GLN B 388 7.13 -18.84 -23.79
C GLN B 388 6.85 -17.61 -22.94
N PRO B 389 7.61 -17.44 -21.85
CA PRO B 389 7.40 -16.23 -21.04
C PRO B 389 7.99 -14.99 -21.73
N ASP B 390 7.61 -13.82 -21.23
CA ASP B 390 8.11 -12.54 -21.74
C ASP B 390 8.03 -12.42 -23.26
N THR B 391 6.90 -12.87 -23.81
CA THR B 391 6.71 -12.89 -25.25
C THR B 391 5.51 -12.03 -25.65
N PHE B 392 4.39 -12.20 -24.96
CA PHE B 392 3.20 -11.42 -25.29
C PHE B 392 2.95 -10.29 -24.28
N TYR B 393 2.65 -9.10 -24.81
CA TYR B 393 2.35 -7.94 -23.99
C TYR B 393 1.20 -7.12 -24.54
N THR B 394 0.32 -6.68 -23.64
CA THR B 394 -0.69 -5.69 -23.97
C THR B 394 -0.97 -4.91 -22.68
N PHE B 395 -1.90 -3.96 -22.73
CA PHE B 395 -2.17 -3.15 -21.56
C PHE B 395 -3.04 -3.85 -20.50
N ALA B 396 -2.93 -3.41 -19.25
CA ALA B 396 -3.81 -3.94 -18.21
C ALA B 396 -5.09 -3.13 -18.08
N SER B 397 -5.10 -1.96 -18.72
CA SER B 397 -6.08 -0.90 -18.46
C SER B 397 -7.18 -0.72 -19.50
N GLY B 398 -6.94 -1.19 -20.72
CA GLY B 398 -7.84 -0.90 -21.82
C GLY B 398 -7.69 0.48 -22.44
N GLY B 399 -6.69 1.23 -22.00
CA GLY B 399 -6.48 2.58 -22.49
C GLY B 399 -5.71 2.65 -23.79
N LEU B 400 -6.41 2.93 -24.88
CA LEU B 400 -5.76 2.96 -26.20
C LEU B 400 -4.67 4.03 -26.24
N GLY B 401 -3.65 3.78 -27.06
CA GLY B 401 -2.53 4.68 -27.19
C GLY B 401 -1.31 4.20 -26.42
N TRP B 402 -1.46 3.06 -25.74
CA TRP B 402 -0.35 2.53 -24.95
C TRP B 402 0.55 1.60 -25.76
N ASP B 403 -0.04 0.69 -26.53
CA ASP B 403 0.75 -0.39 -27.14
C ASP B 403 1.71 0.04 -28.25
N LEU B 404 1.31 1.01 -29.07
CA LEU B 404 2.20 1.43 -30.17
C LEU B 404 3.54 1.91 -29.60
N PRO B 405 3.50 2.89 -28.68
CA PRO B 405 4.78 3.30 -28.08
C PRO B 405 5.37 2.24 -27.15
N ALA B 406 4.54 1.46 -26.46
CA ALA B 406 5.11 0.42 -25.60
C ALA B 406 5.95 -0.58 -26.38
N ALA B 407 5.54 -0.86 -27.62
CA ALA B 407 6.31 -1.76 -28.47
C ALA B 407 7.73 -1.23 -28.71
N VAL B 408 7.86 0.07 -28.94
CA VAL B 408 9.18 0.70 -29.06
C VAL B 408 10.00 0.49 -27.78
N GLY B 409 9.37 0.71 -26.62
CA GLY B 409 10.03 0.46 -25.35
C GLY B 409 10.48 -0.98 -25.18
N LEU B 410 9.62 -1.93 -25.56
CA LEU B 410 9.97 -3.34 -25.50
C LEU B 410 11.16 -3.66 -26.43
N ALA B 411 11.17 -3.03 -27.60
CA ALA B 411 12.27 -3.22 -28.56
C ALA B 411 13.57 -2.65 -28.01
N LEU B 412 13.49 -1.48 -27.37
CA LEU B 412 14.67 -0.93 -26.70
C LEU B 412 15.19 -1.94 -25.67
N GLY B 413 14.27 -2.59 -24.96
CA GLY B 413 14.64 -3.62 -24.02
C GLY B 413 15.34 -4.81 -24.68
N GLU B 414 14.89 -5.17 -25.88
CA GLU B 414 15.51 -6.26 -26.62
C GLU B 414 16.97 -5.93 -26.96
N GLU B 415 17.24 -4.67 -27.22
CA GLU B 415 18.61 -4.25 -27.48
C GLU B 415 19.44 -4.18 -26.19
N VAL B 416 18.84 -3.76 -25.08
CA VAL B 416 19.59 -3.70 -23.83
C VAL B 416 20.00 -5.10 -23.38
N SER B 417 19.06 -6.03 -23.39
CA SER B 417 19.35 -7.40 -23.01
C SER B 417 20.26 -8.04 -24.05
N GLY B 418 20.14 -7.57 -25.28
CA GLY B 418 20.89 -8.13 -26.39
C GLY B 418 20.17 -9.28 -27.08
N ARG B 419 19.00 -9.66 -26.57
CA ARG B 419 18.24 -10.76 -27.17
C ARG B 419 17.77 -10.43 -28.57
N ASN B 420 17.40 -9.17 -28.80
CA ASN B 420 17.11 -8.67 -30.14
C ASN B 420 16.02 -9.38 -30.95
N ARG B 421 14.96 -9.79 -30.28
CA ARG B 421 13.77 -10.28 -30.98
C ARG B 421 13.04 -9.12 -31.63
N PRO B 422 12.51 -9.33 -32.84
CA PRO B 422 11.66 -8.29 -33.41
C PRO B 422 10.35 -8.18 -32.61
N VAL B 423 9.81 -6.98 -32.53
CA VAL B 423 8.55 -6.77 -31.82
C VAL B 423 7.42 -6.59 -32.85
N VAL B 424 6.60 -7.63 -32.96
CA VAL B 424 5.51 -7.64 -33.93
C VAL B 424 4.25 -7.14 -33.21
N THR B 425 3.65 -6.09 -33.76
CA THR B 425 2.63 -5.34 -33.04
C THR B 425 1.34 -5.29 -33.86
N LEU B 426 0.30 -5.98 -33.39
CA LEU B 426 -0.99 -6.03 -34.09
C LEU B 426 -1.90 -4.87 -33.67
N MET B 427 -2.11 -3.92 -34.59
CA MET B 427 -2.80 -2.66 -34.29
C MET B 427 -4.12 -2.47 -35.03
N GLY B 428 -5.15 -1.99 -34.35
CA GLY B 428 -6.35 -1.55 -35.04
C GLY B 428 -6.08 -0.19 -35.66
N ASP B 429 -6.83 0.17 -36.70
CA ASP B 429 -6.61 1.47 -37.33
C ASP B 429 -7.00 2.62 -36.40
N GLY B 430 -8.02 2.42 -35.58
CA GLY B 430 -8.46 3.41 -34.62
C GLY B 430 -7.43 3.56 -33.51
N SER B 431 -7.02 2.42 -32.94
CA SER B 431 -6.01 2.39 -31.88
C SER B 431 -4.70 3.04 -32.31
N PHE B 432 -4.33 2.79 -33.56
CA PHE B 432 -3.10 3.32 -34.14
C PHE B 432 -2.98 4.85 -34.01
N GLN B 433 -4.11 5.54 -34.08
CA GLN B 433 -4.14 6.99 -34.09
C GLN B 433 -3.73 7.65 -32.77
N TYR B 434 -4.07 7.02 -31.64
CA TYR B 434 -3.96 7.68 -30.34
C TYR B 434 -2.54 8.17 -30.03
N SER B 435 -1.54 7.33 -30.27
CA SER B 435 -0.15 7.67 -30.01
C SER B 435 0.72 7.38 -31.22
N VAL B 436 0.19 7.73 -32.39
CA VAL B 436 0.86 7.50 -33.67
C VAL B 436 2.27 8.10 -33.71
N GLN B 437 2.50 9.18 -32.96
CA GLN B 437 3.82 9.82 -32.93
C GLN B 437 4.93 8.91 -32.41
N GLY B 438 4.56 7.87 -31.68
CA GLY B 438 5.54 6.93 -31.15
C GLY B 438 6.41 6.31 -32.23
N ILE B 439 5.87 6.16 -33.44
CA ILE B 439 6.64 5.57 -34.55
C ILE B 439 7.97 6.30 -34.72
N TYR B 440 7.95 7.62 -34.59
CA TYR B 440 9.17 8.43 -34.73
C TYR B 440 10.30 7.95 -33.85
N THR B 441 10.00 7.65 -32.58
CA THR B 441 11.01 7.15 -31.68
C THR B 441 11.56 5.79 -32.14
N GLY B 442 10.68 4.92 -32.64
CA GLY B 442 11.14 3.66 -33.20
C GLY B 442 12.14 3.87 -34.34
N VAL B 443 11.81 4.77 -35.26
CA VAL B 443 12.68 5.03 -36.40
C VAL B 443 14.00 5.65 -35.98
N GLN B 444 13.92 6.68 -35.13
CA GLN B 444 15.13 7.37 -34.68
C GLN B 444 16.06 6.49 -33.87
N GLN B 445 15.49 5.57 -33.09
CA GLN B 445 16.29 4.67 -32.26
C GLN B 445 16.64 3.39 -33.00
N LYS B 446 16.12 3.24 -34.20
CA LYS B 446 16.35 2.06 -35.05
C LYS B 446 15.87 0.78 -34.38
N THR B 447 14.76 0.85 -33.66
CA THR B 447 14.21 -0.37 -33.06
C THR B 447 13.59 -1.27 -34.12
N HIS B 448 13.71 -2.57 -33.91
CA HIS B 448 13.11 -3.55 -34.81
C HIS B 448 11.68 -3.79 -34.37
N VAL B 449 10.77 -3.02 -34.94
CA VAL B 449 9.34 -3.09 -34.60
C VAL B 449 8.53 -3.16 -35.88
N ILE B 450 7.57 -4.06 -35.94
CA ILE B 450 6.78 -4.26 -37.15
C ILE B 450 5.33 -4.04 -36.79
N TYR B 451 4.77 -2.94 -37.26
CA TYR B 451 3.37 -2.62 -37.02
C TYR B 451 2.51 -3.19 -38.13
N VAL B 452 1.63 -4.11 -37.77
CA VAL B 452 0.65 -4.61 -38.75
C VAL B 452 -0.70 -4.02 -38.39
N VAL B 453 -1.21 -3.16 -39.27
CA VAL B 453 -2.43 -2.42 -38.98
C VAL B 453 -3.62 -3.05 -39.71
N PHE B 454 -4.61 -3.48 -38.92
CA PHE B 454 -5.84 -4.08 -39.45
C PHE B 454 -6.84 -2.96 -39.75
N GLN B 455 -6.96 -2.58 -41.01
CA GLN B 455 -7.78 -1.43 -41.37
C GLN B 455 -9.18 -1.83 -41.81
N ASN B 456 -10.12 -1.76 -40.87
CA ASN B 456 -11.53 -1.98 -41.18
C ASN B 456 -12.30 -0.67 -41.23
N GLU B 457 -11.58 0.44 -41.13
CA GLU B 457 -12.17 1.78 -41.21
C GLU B 457 -13.34 2.00 -40.23
N GLU B 458 -13.20 1.44 -39.04
CA GLU B 458 -14.20 1.61 -38.00
C GLU B 458 -13.60 1.33 -36.64
N TYR B 459 -14.27 1.79 -35.59
CA TYR B 459 -13.98 1.34 -34.23
C TYR B 459 -14.78 0.05 -34.01
N GLY B 460 -14.22 -1.07 -34.45
CA GLY B 460 -14.98 -2.31 -34.56
C GLY B 460 -15.57 -2.81 -33.26
N ILE B 461 -14.75 -2.88 -32.22
CA ILE B 461 -15.25 -3.45 -30.97
C ILE B 461 -16.41 -2.63 -30.39
N LEU B 462 -16.45 -1.33 -30.70
CA LEU B 462 -17.56 -0.49 -30.21
C LEU B 462 -18.88 -0.85 -30.90
N LYS B 463 -18.79 -1.33 -32.15
CA LYS B 463 -19.97 -1.83 -32.83
C LYS B 463 -20.34 -3.21 -32.28
N GLN B 464 -19.35 -3.99 -31.88
CA GLN B 464 -19.62 -5.28 -31.26
C GLN B 464 -20.36 -5.09 -29.94
N PHE B 465 -19.97 -4.06 -29.19
CA PHE B 465 -20.65 -3.68 -27.96
C PHE B 465 -22.08 -3.21 -28.20
N ALA B 466 -22.24 -2.28 -29.13
CA ALA B 466 -23.56 -1.75 -29.46
C ALA B 466 -24.52 -2.87 -29.85
N GLU B 467 -23.99 -3.95 -30.41
CA GLU B 467 -24.77 -5.12 -30.78
C GLU B 467 -25.17 -5.93 -29.55
N LEU B 468 -24.20 -6.24 -28.70
CA LEU B 468 -24.43 -7.00 -27.47
C LEU B 468 -25.40 -6.27 -26.54
N GLU B 469 -25.17 -4.98 -26.35
CA GLU B 469 -25.93 -4.19 -25.38
C GLU B 469 -27.14 -3.48 -25.98
N GLN B 470 -27.36 -3.69 -27.27
CA GLN B 470 -28.51 -3.10 -27.96
C GLN B 470 -28.55 -1.57 -27.85
N THR B 471 -27.47 -0.92 -28.29
CA THR B 471 -27.42 0.53 -28.31
C THR B 471 -27.11 1.01 -29.72
N PRO B 472 -28.15 1.15 -30.56
CA PRO B 472 -27.99 1.55 -31.96
C PRO B 472 -27.75 3.04 -32.14
N ASN B 473 -27.23 3.38 -33.32
CA ASN B 473 -27.11 4.77 -33.76
C ASN B 473 -26.17 5.63 -32.92
N VAL B 474 -25.17 4.99 -32.33
CA VAL B 474 -24.10 5.71 -31.67
C VAL B 474 -23.22 6.34 -32.76
N PRO B 475 -22.95 7.65 -32.65
CA PRO B 475 -22.12 8.33 -33.66
C PRO B 475 -20.63 8.11 -33.44
N GLY B 476 -19.81 8.43 -34.44
CA GLY B 476 -18.36 8.40 -34.32
C GLY B 476 -17.69 7.04 -34.36
N LEU B 477 -18.38 6.04 -34.91
CA LEU B 477 -17.83 4.68 -34.93
C LEU B 477 -17.14 4.33 -36.24
N ASP B 478 -17.28 5.20 -37.24
CA ASP B 478 -16.64 4.98 -38.54
C ASP B 478 -15.43 5.89 -38.78
N LEU B 479 -14.45 5.34 -39.48
CA LEU B 479 -13.16 6.00 -39.68
C LEU B 479 -12.76 6.01 -41.16
N PRO B 480 -13.58 6.64 -42.02
CA PRO B 480 -13.20 6.76 -43.42
C PRO B 480 -12.06 7.77 -43.60
N GLY B 481 -11.32 7.67 -44.70
CA GLY B 481 -10.40 8.74 -45.06
C GLY B 481 -9.08 8.82 -44.31
N LEU B 482 -8.62 7.69 -43.76
CA LEU B 482 -7.30 7.63 -43.14
C LEU B 482 -6.32 6.92 -44.05
N ASP B 483 -5.20 7.60 -44.33
CA ASP B 483 -4.12 6.97 -45.10
C ASP B 483 -3.03 6.56 -44.13
N ILE B 484 -3.05 5.31 -43.70
CA ILE B 484 -2.13 4.86 -42.67
C ILE B 484 -0.72 4.66 -43.21
N VAL B 485 -0.61 4.41 -44.51
CA VAL B 485 0.73 4.32 -45.10
C VAL B 485 1.45 5.64 -44.97
N ALA B 486 0.74 6.73 -45.23
CA ALA B 486 1.30 8.07 -45.12
C ALA B 486 1.70 8.36 -43.68
N GLN B 487 0.99 7.75 -42.72
CA GLN B 487 1.35 7.92 -41.31
C GLN B 487 2.72 7.32 -41.00
N GLY B 488 2.98 6.12 -41.50
CA GLY B 488 4.31 5.53 -41.36
C GLY B 488 5.38 6.38 -42.02
N LYS B 489 5.07 6.87 -43.23
CA LYS B 489 6.02 7.66 -44.00
C LYS B 489 6.34 8.97 -43.29
N ALA B 490 5.33 9.56 -42.67
CA ALA B 490 5.50 10.82 -41.95
C ALA B 490 6.61 10.72 -40.90
N TYR B 491 6.76 9.56 -40.29
CA TYR B 491 7.74 9.41 -39.21
C TYR B 491 8.97 8.61 -39.62
N GLY B 492 9.06 8.32 -40.92
CA GLY B 492 10.27 7.73 -41.47
C GLY B 492 10.32 6.22 -41.47
N ALA B 493 9.21 5.58 -41.12
CA ALA B 493 9.15 4.12 -41.11
C ALA B 493 9.03 3.59 -42.53
N LYS B 494 9.48 2.36 -42.74
CA LYS B 494 9.16 1.66 -44.00
C LYS B 494 7.67 1.38 -43.94
N SER B 495 6.92 1.83 -44.94
CA SER B 495 5.46 1.79 -44.84
C SER B 495 4.82 1.40 -46.17
N LEU B 496 3.88 0.45 -46.13
CA LEU B 496 3.18 0.04 -47.33
C LEU B 496 1.81 -0.59 -47.04
N LYS B 497 0.93 -0.54 -48.02
CA LYS B 497 -0.35 -1.22 -47.95
C LYS B 497 -0.32 -2.48 -48.79
N VAL B 498 -0.77 -3.60 -48.22
CA VAL B 498 -0.87 -4.86 -48.96
C VAL B 498 -2.33 -5.20 -49.25
N GLU B 499 -2.60 -5.72 -50.44
CA GLU B 499 -3.97 -5.97 -50.87
C GLU B 499 -4.29 -7.46 -50.96
N THR B 500 -3.26 -8.29 -50.87
CA THR B 500 -3.46 -9.72 -50.90
C THR B 500 -2.59 -10.38 -49.86
N LEU B 501 -2.94 -11.63 -49.53
CA LEU B 501 -2.20 -12.38 -48.53
C LEU B 501 -0.78 -12.72 -48.95
N ASP B 502 -0.54 -12.88 -50.24
CA ASP B 502 0.81 -13.12 -50.72
CA ASP B 502 0.82 -13.13 -50.66
C ASP B 502 1.67 -11.85 -50.60
N GLU B 503 1.06 -10.70 -50.87
CA GLU B 503 1.77 -9.44 -50.68
C GLU B 503 2.07 -9.25 -49.18
N LEU B 504 1.15 -9.69 -48.33
CA LEU B 504 1.37 -9.62 -46.87
C LEU B 504 2.58 -10.46 -46.45
N LYS B 505 2.62 -11.70 -46.92
CA LYS B 505 3.74 -12.57 -46.62
C LYS B 505 5.07 -11.93 -47.05
N THR B 506 5.10 -11.35 -48.25
CA THR B 506 6.31 -10.70 -48.75
C THR B 506 6.72 -9.50 -47.92
N ALA B 507 5.77 -8.62 -47.65
CA ALA B 507 6.02 -7.44 -46.82
C ALA B 507 6.47 -7.80 -45.40
N TYR B 508 5.87 -8.85 -44.83
CA TYR B 508 6.17 -9.27 -43.46
C TYR B 508 7.55 -9.90 -43.36
N LEU B 509 7.90 -10.76 -44.32
CA LEU B 509 9.24 -11.33 -44.35
C LEU B 509 10.28 -10.23 -44.55
N GLU B 510 9.96 -9.24 -45.40
CA GLU B 510 10.89 -8.14 -45.59
C GLU B 510 11.09 -7.37 -44.29
N ALA B 511 10.01 -7.12 -43.58
CA ALA B 511 10.09 -6.40 -42.30
C ALA B 511 10.89 -7.18 -41.26
N LEU B 512 10.72 -8.49 -41.24
CA LEU B 512 11.51 -9.33 -40.34
C LEU B 512 13.01 -9.25 -40.66
N SER B 513 13.35 -8.99 -41.92
CA SER B 513 14.75 -8.93 -42.35
CA SER B 513 14.75 -8.92 -42.33
C SER B 513 15.32 -7.52 -42.18
N PHE B 514 14.45 -6.54 -41.99
CA PHE B 514 14.87 -5.14 -41.88
C PHE B 514 14.99 -4.71 -40.42
N LYS B 515 16.21 -4.41 -39.99
CA LYS B 515 16.43 -3.99 -38.62
C LYS B 515 16.03 -2.52 -38.47
N GLY B 516 14.74 -2.30 -38.25
CA GLY B 516 14.21 -0.95 -38.22
C GLY B 516 12.70 -1.05 -38.04
N THR B 517 12.01 0.09 -38.14
CA THR B 517 10.58 0.15 -37.89
C THR B 517 9.80 0.14 -39.21
N SER B 518 8.86 -0.81 -39.32
CA SER B 518 8.01 -0.93 -40.49
C SER B 518 6.55 -0.87 -40.12
N VAL B 519 5.75 -0.35 -41.05
CA VAL B 519 4.30 -0.32 -40.95
C VAL B 519 3.75 -1.07 -42.15
N ILE B 520 2.92 -2.08 -41.89
CA ILE B 520 2.28 -2.84 -42.96
C ILE B 520 0.77 -2.69 -42.79
N VAL B 521 0.13 -2.01 -43.73
CA VAL B 521 -1.30 -1.76 -43.62
C VAL B 521 -2.09 -2.84 -44.36
N VAL B 522 -3.07 -3.43 -43.69
CA VAL B 522 -3.86 -4.50 -44.27
C VAL B 522 -5.35 -4.16 -44.21
N PRO B 523 -5.95 -3.85 -45.36
CA PRO B 523 -7.39 -3.64 -45.45
C PRO B 523 -8.12 -4.94 -45.13
N ILE B 524 -9.09 -4.89 -44.22
CA ILE B 524 -9.87 -6.06 -43.89
C ILE B 524 -11.36 -5.77 -43.96
N THR B 525 -12.16 -6.83 -43.91
CA THR B 525 -13.61 -6.69 -43.91
C THR B 525 -14.07 -5.80 -42.74
N LYS B 526 -15.17 -5.08 -42.96
CA LYS B 526 -15.81 -4.31 -41.90
C LYS B 526 -16.72 -5.19 -41.05
N GLU B 527 -16.99 -6.40 -41.55
CA GLU B 527 -17.82 -7.34 -40.80
C GLU B 527 -17.17 -7.70 -39.48
N LEU B 528 -17.98 -7.90 -38.45
CA LEU B 528 -17.48 -8.18 -37.12
C LEU B 528 -18.12 -9.43 -36.51
N LYS B 529 -17.32 -10.25 -35.86
CA LYS B 529 -17.84 -11.39 -35.12
C LYS B 529 -18.53 -10.90 -33.85
N PRO B 530 -19.29 -11.79 -33.18
CA PRO B 530 -19.91 -11.40 -31.90
C PRO B 530 -18.86 -11.07 -30.85
N LEU B 531 -19.18 -10.15 -29.94
CA LEU B 531 -18.28 -9.77 -28.86
C LEU B 531 -17.82 -11.01 -28.09
MG MG C . 2.02 19.80 32.71
N1' TPP D . -1.73 19.88 20.47
C2' TPP D . -1.85 18.54 20.14
CM2 TPP D . -3.16 17.98 19.69
N3' TPP D . -0.76 17.68 20.22
C4' TPP D . 0.46 18.18 20.63
N4' TPP D . 1.51 17.36 20.68
C5' TPP D . 0.58 19.51 20.98
C6' TPP D . -0.50 20.38 20.89
C7' TPP D . 1.92 20.05 21.42
N3 TPP D . 2.40 19.63 22.74
C2 TPP D . 3.35 18.65 22.95
S1 TPP D . 3.72 18.41 24.50
C5 TPP D . 2.69 19.57 24.96
C4 TPP D . 2.01 20.20 23.90
CM4 TPP D . 1.00 21.30 24.04
C6 TPP D . 2.62 19.85 26.43
C7 TPP D . 2.14 18.70 27.29
O7 TPP D . 1.90 19.25 28.56
PA TPP D . 1.46 18.34 29.82
O1A TPP D . 0.45 17.34 29.36
O2A TPP D . 0.92 19.21 30.91
O3A TPP D . 2.78 17.51 30.17
PB TPP D . 4.14 18.03 30.85
O1B TPP D . 5.11 18.29 29.73
O2B TPP D . 4.64 16.89 31.72
O3B TPP D . 3.93 19.28 31.64
MG MG E . -10.74 -0.67 -36.55
N1' TPP F . -10.11 6.18 -25.84
C2' TPP F . -9.11 5.58 -25.09
CM2 TPP F . -7.91 6.39 -24.70
N3' TPP F . -9.21 4.27 -24.71
C4' TPP F . -10.32 3.53 -25.07
N4' TPP F . -10.42 2.26 -24.68
C5' TPP F . -11.31 4.12 -25.83
C6' TPP F . -11.22 5.45 -26.23
C7' TPP F . -12.54 3.34 -26.25
N3 TPP F . -12.36 2.30 -27.24
C2 TPP F . -12.22 0.96 -26.96
S1 TPP F . -12.08 0.04 -28.28
C5 TPP F . -12.19 1.31 -29.24
C4 TPP F . -12.35 2.53 -28.59
CM4 TPP F . -12.48 3.86 -29.25
C6 TPP F . -12.13 1.03 -30.72
C7 TPP F . -10.82 0.41 -31.19
O7 TPP F . -10.87 0.45 -32.60
PA TPP F . -9.71 -0.21 -33.50
O1A TPP F . -9.80 0.36 -34.88
O2A TPP F . -8.36 0.09 -32.89
O3A TPP F . -9.86 -1.81 -33.35
PB TPP F . -11.06 -2.72 -33.94
O1B TPP F . -11.73 -1.99 -35.06
O2B TPP F . -10.46 -4.04 -34.34
O3B TPP F . -12.08 -2.93 -32.85
#